data_7W6P
#
_entry.id   7W6P
#
_cell.length_a   1.00
_cell.length_b   1.00
_cell.length_c   1.00
_cell.angle_alpha   90.00
_cell.angle_beta   90.00
_cell.angle_gamma   90.00
#
_symmetry.space_group_name_H-M   'P 1'
#
loop_
_entity.id
_entity.type
_entity.pdbx_description
1 polymer 'Guanine nucleotide-binding protein G(o) subunit alpha'
2 polymer 'Guanine nucleotide-binding protein G(I)/G(S)/G(T) subunit beta-1'
3 polymer 'Guanine nucleotide-binding protein G(I)/G(S)/G(O) subunit gamma-2'
4 polymer scFv
5 polymer 'Alpha-2A adrenergic receptor'
6 non-polymer N-pyridin-4-ylisoquinolin-4-amine
#
loop_
_entity_poly.entity_id
_entity_poly.type
_entity_poly.pdbx_seq_one_letter_code
_entity_poly.pdbx_strand_id
1 'polypeptide(L)'
;MGCTLSAEERAALERSKAIEKNLKEDGISAAKDVKLLLLGAGESGKSTIVKQMKIIHEDGFSGEDVKQYKPVVYSNTIQS
LAAIVRAMDTLGIEYGDKERKADAKMVCDVVSRMEDTEPFSAELLSAMMRLWGDSGIQECFNRSREYQLNDSAKYYLDSL
DRIGAADYQPTEQDILRTRVKTTGIVETHFTFKNLHFRLFDVGGQRSERKKWIHCFEDVTAIIFCVALSGYDQVLHEDET
TNRMHESLMLFDSICNNKFFIDTSIILFLNKKDLFGEKIKKSPLTICFPEYTGPNTYEDAAAYIQAQFESKNRSPNKEIY
CHMTCATDTNNIQVVFDAVTDIIIANNLRGCGLY
;
A
2 'polypeptide(L)'
;HHHHHHGSSGSELDQLRQEAEQLKNQIRDARKACADATLSQITNNIDPVGRIQMRTRRTLRGHLAKIYAMHWGTDSRLLV
SASQDGKLIIWDSYTTNKVHAIPLRSSWVMTCAYAPSGNYVACGGLDNICSIYNLKTREGNVRVSRELAGHTGYLSCCRF
LDDNQIVTSSGDTTCALWDIETGQQTTTFTGHTGDVMSLSLAPDTRLFVSGACDASAKLWDVREGMCRQTFTGHESDINA
ICFFPNGNAFATGSDDATCRLFDLRADQELMTYSHDNIICGITSVSFSKSGRLLLAGYDDFNCNVWDALKADRAGVLAGH
DNRVSCLGVTDDGMAVATGSWDSFLKIWN
;
B
3 'polypeptide(L)' MASNNTASIAQARKLVEQLKMEANIDRIKVSKAAADLMAYCEAHAKEDPLLTPVPASENPFREKKFFCAIL G
4 'polypeptide(L)'
;MLLVNQSHQGFNKEHTSKMVSAIVLYVLLAAAAHSAFADVQLVESGGGLVQPGGSRKLSCSASGFAFSSFGMHWVRQAPE
KGLEWVAYISSGSGTIYYADTVKGRFTISRDDPKNTLFLQMTSLRSEDTAMYYCVRSIYYYGSSPFDFWGQGTTLTVSSG
GGGSGGGGSGGGGSDIVMTQATSSVPVTPGESVSISCRSSKSLLHSNGNTYLYWFLQRPGQSPQLLIYRMSNLASGVPDR
FSGSGSGTAFTLTISRLEAEDVGVYYCMQHLEYPLTFGAGTKLELKGSLEVLFQGPAAAHHHHHHHH
;
H
5 'polypeptide(L)'
;MFRQEQPLAEGSFAPMGSLQPDAGNASWNGTEAPGGGARATPYSLQVTLTLVCLAGLLMLLTVFGNVLVIIAVFTSRALK
APQNLFLVSLASADILVATLVIPFSLANEVMGYWYFGKAWCEIYLALDVLFCTSSIVHLCAISLDRYWSITQAIEYNLKR
TPRRIKAIIITVWVISAVISFPPLISIEKKGGGGGPQPAEPRCEINDQKWYVISSCIGSFFAPCLIMILVYVRIYQIAKR
RTRVPPSRRGPDAVAAPPGGTERRPNGLGPERSAGPGGAEAEPLPTQLNGAPGEPAPAGPRDTDALDLEESSSSDHAERP
PGPRRPERGPRGKGKARASQVKPGDSLPRRGPGATGIGTPAAGPGEERVGAAKASRWRGRQNREKRFTFVLAVVIGVFVV
CWFPFFFTYTLTAVGCSVPRTLFKFFFWFGYCNSSLNPVIYTIFNHDFRRAFKKILCRGDRKRIV
;
R
#
loop_
_chem_comp.id
_chem_comp.type
_chem_comp.name
_chem_comp.formula
W96 non-polymer N-pyridin-4-ylisoquinolin-4-amine 'C14 H11 N3'
#
# COMPACT_ATOMS: atom_id res chain seq x y z
N THR A 4 -25.14 1.73 8.50
CA THR A 4 -25.66 2.91 9.18
C THR A 4 -24.91 4.16 8.76
N LEU A 5 -24.03 4.02 7.76
CA LEU A 5 -23.26 5.14 7.27
C LEU A 5 -24.15 6.16 6.59
N SER A 6 -23.76 7.43 6.71
CA SER A 6 -24.54 8.51 6.12
C SER A 6 -24.57 8.41 4.60
N ALA A 7 -25.39 9.26 3.98
CA ALA A 7 -25.46 9.28 2.53
C ALA A 7 -24.15 9.73 1.91
N GLU A 8 -23.46 10.69 2.52
CA GLU A 8 -22.17 11.14 2.02
C GLU A 8 -21.06 10.14 2.29
N GLU A 9 -21.03 9.54 3.47
CA GLU A 9 -19.98 8.58 3.79
C GLU A 9 -20.13 7.27 3.05
N ARG A 10 -21.36 6.88 2.71
CA ARG A 10 -21.53 5.74 1.82
C ARG A 10 -20.95 6.00 0.44
N ALA A 11 -21.14 7.21 -0.11
CA ALA A 11 -20.51 7.54 -1.38
C ALA A 11 -19.00 7.63 -1.25
N ALA A 12 -18.49 8.12 -0.12
CA ALA A 12 -17.06 8.16 0.10
C ALA A 12 -16.48 6.76 0.14
N LEU A 13 -17.16 5.83 0.81
CA LEU A 13 -16.71 4.44 0.82
C LEU A 13 -16.84 3.80 -0.55
N GLU A 14 -17.87 4.17 -1.32
CA GLU A 14 -17.98 3.69 -2.69
C GLU A 14 -16.78 4.14 -3.53
N ARG A 15 -16.37 5.40 -3.36
CA ARG A 15 -15.19 5.89 -4.07
C ARG A 15 -13.93 5.17 -3.61
N SER A 16 -13.77 4.98 -2.30
CA SER A 16 -12.60 4.29 -1.79
C SER A 16 -12.54 2.84 -2.23
N LYS A 17 -13.68 2.19 -2.43
CA LYS A 17 -13.72 0.83 -2.96
C LYS A 17 -13.58 0.78 -4.46
N ALA A 18 -13.98 1.83 -5.17
CA ALA A 18 -13.79 1.89 -6.61
C ALA A 18 -12.34 2.19 -6.99
N ILE A 19 -11.59 2.88 -6.13
CA ILE A 19 -10.16 3.03 -6.35
C ILE A 19 -9.37 1.91 -5.67
N GLU A 20 -10.06 0.96 -5.03
CA GLU A 20 -9.44 -0.33 -4.73
C GLU A 20 -9.29 -1.16 -6.00
N LYS A 21 -10.35 -1.21 -6.81
CA LYS A 21 -10.33 -2.01 -8.03
C LYS A 21 -9.29 -1.49 -9.01
N ASN A 22 -9.21 -0.17 -9.18
CA ASN A 22 -8.21 0.40 -10.08
C ASN A 22 -6.80 0.07 -9.63
N LEU A 23 -6.52 0.20 -8.33
CA LEU A 23 -5.21 -0.14 -7.81
C LEU A 23 -4.89 -1.61 -7.95
N LYS A 24 -5.86 -2.49 -7.70
CA LYS A 24 -5.64 -3.93 -7.85
C LYS A 24 -5.36 -4.29 -9.31
N GLU A 25 -6.11 -3.69 -10.25
CA GLU A 25 -5.84 -3.94 -11.66
C GLU A 25 -4.47 -3.41 -12.08
N ASP A 26 -4.08 -2.23 -11.56
CA ASP A 26 -2.76 -1.71 -11.87
C ASP A 26 -1.66 -2.63 -11.34
N GLY A 27 -1.85 -3.18 -10.14
CA GLY A 27 -0.87 -4.10 -9.60
C GLY A 27 -0.82 -5.41 -10.37
N ILE A 28 -1.97 -5.92 -10.78
CA ILE A 28 -2.01 -7.16 -11.56
C ILE A 28 -1.31 -6.97 -12.90
N SER A 29 -1.59 -5.86 -13.58
CA SER A 29 -0.98 -5.60 -14.89
C SER A 29 0.49 -5.23 -14.78
N ALA A 30 0.99 -4.95 -13.58
CA ALA A 30 2.41 -4.65 -13.37
C ALA A 30 3.16 -5.83 -12.76
N ALA A 31 2.55 -7.01 -12.71
CA ALA A 31 3.22 -8.21 -12.22
C ALA A 31 3.55 -9.21 -13.31
N LYS A 32 2.83 -9.17 -14.44
CA LYS A 32 3.15 -10.06 -15.55
C LYS A 32 4.51 -9.73 -16.14
N ASP A 33 4.86 -8.45 -16.19
CA ASP A 33 6.15 -8.04 -16.72
C ASP A 33 7.28 -8.46 -15.78
N VAL A 34 8.49 -8.45 -16.30
CA VAL A 34 9.68 -8.87 -15.56
C VAL A 34 10.63 -7.69 -15.44
N LYS A 35 11.14 -7.46 -14.24
CA LYS A 35 12.03 -6.35 -13.95
C LYS A 35 13.46 -6.85 -13.91
N LEU A 36 14.37 -6.10 -14.53
CA LEU A 36 15.79 -6.38 -14.49
C LEU A 36 16.54 -5.14 -13.99
N LEU A 37 17.62 -5.38 -13.28
CA LEU A 37 18.45 -4.28 -12.78
C LEU A 37 19.81 -4.36 -13.47
N LEU A 38 20.17 -3.32 -14.21
CA LEU A 38 21.41 -3.33 -14.99
C LEU A 38 22.52 -2.69 -14.17
N LEU A 39 23.61 -3.42 -13.98
CA LEU A 39 24.75 -2.96 -13.20
C LEU A 39 26.06 -3.31 -13.91
N GLY A 40 27.14 -2.73 -13.43
CA GLY A 40 28.45 -3.02 -13.98
C GLY A 40 29.47 -2.00 -13.52
N ALA A 41 30.63 -2.06 -14.17
CA ALA A 41 31.72 -1.12 -13.90
C ALA A 41 31.44 0.20 -14.62
N GLY A 42 32.45 1.06 -14.69
CA GLY A 42 32.27 2.33 -15.35
C GLY A 42 32.29 2.21 -16.86
N GLU A 43 31.11 2.32 -17.48
CA GLU A 43 30.95 2.21 -18.93
C GLU A 43 31.62 0.97 -19.48
N SER A 44 31.40 -0.17 -18.79
CA SER A 44 31.91 -1.45 -19.24
C SER A 44 30.87 -2.14 -20.13
N GLY A 45 30.65 -1.53 -21.29
CA GLY A 45 29.70 -2.06 -22.25
C GLY A 45 28.25 -1.80 -21.92
N LYS A 46 27.96 -0.91 -20.99
CA LYS A 46 26.57 -0.64 -20.61
C LYS A 46 25.80 -0.01 -21.77
N SER A 47 26.38 1.03 -22.37
CA SER A 47 25.65 1.81 -23.35
C SER A 47 25.31 0.99 -24.59
N THR A 48 26.28 0.21 -25.09
CA THR A 48 26.03 -0.58 -26.29
C THR A 48 24.95 -1.63 -26.05
N ILE A 49 25.00 -2.30 -24.90
CA ILE A 49 24.00 -3.32 -24.59
C ILE A 49 22.62 -2.69 -24.44
N VAL A 50 22.53 -1.55 -23.75
CA VAL A 50 21.26 -0.85 -23.64
C VAL A 50 20.74 -0.47 -25.01
N LYS A 51 21.64 -0.07 -25.91
CA LYS A 51 21.24 0.24 -27.28
C LYS A 51 20.67 -0.98 -27.98
N GLN A 52 21.30 -2.15 -27.79
CA GLN A 52 20.78 -3.37 -28.42
C GLN A 52 19.39 -3.73 -27.88
N MET A 53 19.16 -3.56 -26.58
CA MET A 53 17.82 -3.81 -26.06
C MET A 53 16.78 -2.89 -26.68
N LYS A 54 17.10 -1.62 -26.85
CA LYS A 54 16.16 -0.70 -27.49
C LYS A 54 16.74 -0.13 -28.78
N THR A 182 14.78 12.81 -14.43
CA THR A 182 15.95 12.26 -15.10
C THR A 182 17.17 12.32 -14.18
N THR A 183 18.35 12.05 -14.76
CA THR A 183 19.64 12.12 -14.08
C THR A 183 19.76 11.02 -13.04
N GLY A 184 18.71 10.24 -12.85
CA GLY A 184 18.74 9.15 -11.90
C GLY A 184 18.60 7.80 -12.58
N ILE A 185 17.47 7.13 -12.36
CA ILE A 185 17.22 5.88 -13.07
C ILE A 185 16.97 6.16 -14.54
N VAL A 186 17.21 5.15 -15.36
CA VAL A 186 16.82 5.15 -16.76
C VAL A 186 16.08 3.84 -16.99
N GLU A 187 14.77 3.90 -17.15
CA GLU A 187 13.94 2.70 -17.25
C GLU A 187 13.70 2.39 -18.73
N THR A 188 14.57 1.55 -19.29
CA THR A 188 14.29 1.00 -20.62
C THR A 188 13.10 0.07 -20.53
N HIS A 189 12.21 0.16 -21.50
CA HIS A 189 10.88 -0.44 -21.41
C HIS A 189 10.60 -1.16 -22.73
N PHE A 190 11.01 -2.42 -22.83
CA PHE A 190 10.90 -3.11 -24.11
C PHE A 190 10.18 -4.44 -23.93
N THR A 191 9.91 -5.09 -25.05
CA THR A 191 9.18 -6.35 -25.06
C THR A 191 9.87 -7.34 -26.00
N PHE A 192 9.68 -8.61 -25.71
CA PHE A 192 10.26 -9.68 -26.53
C PHE A 192 9.49 -10.97 -26.29
N LYS A 193 8.89 -11.51 -27.34
CA LYS A 193 8.22 -12.81 -27.31
C LYS A 193 7.21 -12.89 -26.17
N ASN A 194 6.42 -11.83 -26.04
CA ASN A 194 5.33 -11.63 -25.09
C ASN A 194 5.82 -11.32 -23.67
N LEU A 195 7.11 -11.40 -23.39
CA LEU A 195 7.64 -10.92 -22.12
C LEU A 195 7.85 -9.42 -22.19
N HIS A 196 7.63 -8.75 -21.07
CA HIS A 196 7.75 -7.30 -21.00
C HIS A 196 8.89 -6.98 -20.05
N PHE A 197 10.05 -6.65 -20.61
CA PHE A 197 11.24 -6.34 -19.83
C PHE A 197 11.26 -4.87 -19.43
N ARG A 198 11.42 -4.64 -18.13
CA ARG A 198 11.64 -3.31 -17.58
C ARG A 198 13.06 -3.29 -17.02
N LEU A 199 13.99 -2.73 -17.79
CA LEU A 199 15.40 -2.73 -17.44
C LEU A 199 15.74 -1.39 -16.79
N PHE A 200 16.02 -1.41 -15.50
CA PHE A 200 16.37 -0.20 -14.77
C PHE A 200 17.88 -0.03 -14.77
N ASP A 201 18.36 1.04 -15.40
CA ASP A 201 19.78 1.36 -15.45
C ASP A 201 20.06 2.44 -14.41
N VAL A 202 20.96 2.15 -13.48
CA VAL A 202 21.33 3.11 -12.45
C VAL A 202 22.78 3.55 -12.64
N GLY A 203 22.97 4.63 -13.36
CA GLY A 203 24.30 5.16 -13.61
C GLY A 203 24.44 6.58 -13.14
N GLY A 204 23.32 7.30 -13.08
CA GLY A 204 23.32 8.67 -12.60
C GLY A 204 23.41 8.82 -11.11
N GLN A 205 23.30 7.71 -10.36
CA GLN A 205 23.40 7.75 -8.91
C GLN A 205 24.87 7.77 -8.51
N ARG A 206 25.34 8.92 -8.06
CA ARG A 206 26.71 9.05 -7.55
C ARG A 206 26.80 8.78 -6.06
N SER A 207 25.69 8.42 -5.43
CA SER A 207 25.65 8.20 -3.99
C SER A 207 26.07 6.77 -3.68
N GLU A 208 25.97 6.39 -2.40
CA GLU A 208 26.31 5.03 -2.00
C GLU A 208 25.25 4.05 -2.49
N ARG A 209 25.70 2.93 -3.06
CA ARG A 209 24.77 1.92 -3.55
C ARG A 209 23.99 1.25 -2.43
N LYS A 210 24.50 1.32 -1.19
CA LYS A 210 23.85 0.62 -0.09
C LYS A 210 22.46 1.16 0.20
N LYS A 211 22.28 2.47 0.11
CA LYS A 211 21.03 3.07 0.58
C LYS A 211 19.89 2.80 -0.38
N TRP A 212 20.15 2.77 -1.68
CA TRP A 212 19.11 2.52 -2.67
C TRP A 212 19.18 1.14 -3.30
N ILE A 213 20.06 0.27 -2.81
CA ILE A 213 20.15 -1.07 -3.41
C ILE A 213 19.00 -1.96 -2.94
N HIS A 214 18.49 -1.76 -1.72
CA HIS A 214 17.33 -2.51 -1.27
C HIS A 214 16.07 -2.10 -1.99
N CYS A 215 16.09 -0.94 -2.65
CA CYS A 215 14.93 -0.49 -3.43
C CYS A 215 14.63 -1.45 -4.58
N PHE A 216 15.62 -2.20 -5.07
CA PHE A 216 15.44 -3.16 -6.15
C PHE A 216 15.43 -4.59 -5.65
N GLU A 217 14.99 -4.81 -4.40
CA GLU A 217 15.03 -6.15 -3.83
C GLU A 217 14.13 -7.11 -4.61
N ASP A 218 12.97 -6.65 -5.03
CA ASP A 218 12.01 -7.51 -5.75
C ASP A 218 12.21 -7.39 -7.26
N VAL A 219 13.41 -7.77 -7.70
CA VAL A 219 13.79 -7.74 -9.11
C VAL A 219 14.02 -9.17 -9.57
N THR A 220 13.68 -9.45 -10.83
CA THR A 220 13.77 -10.81 -11.33
C THR A 220 15.21 -11.23 -11.57
N ALA A 221 16.03 -10.34 -12.13
CA ALA A 221 17.41 -10.66 -12.40
C ALA A 221 18.22 -9.37 -12.45
N ILE A 222 19.52 -9.49 -12.20
CA ILE A 222 20.43 -8.36 -12.34
C ILE A 222 21.38 -8.66 -13.49
N ILE A 223 21.30 -7.82 -14.53
CA ILE A 223 22.17 -7.93 -15.70
C ILE A 223 23.48 -7.24 -15.37
N PHE A 224 24.53 -8.02 -15.18
CA PHE A 224 25.85 -7.50 -14.83
C PHE A 224 26.70 -7.48 -16.08
N CYS A 225 27.00 -6.28 -16.58
CA CYS A 225 27.77 -6.10 -17.80
C CYS A 225 29.24 -5.92 -17.43
N VAL A 226 30.11 -6.72 -18.04
CA VAL A 226 31.55 -6.62 -17.78
C VAL A 226 32.31 -6.75 -19.09
N ALA A 227 33.36 -5.96 -19.23
CA ALA A 227 34.17 -5.92 -20.44
C ALA A 227 35.43 -6.75 -20.25
N LEU A 228 35.72 -7.61 -21.24
CA LEU A 228 36.89 -8.47 -21.15
C LEU A 228 38.18 -7.66 -21.26
N SER A 229 38.17 -6.59 -22.06
CA SER A 229 39.34 -5.74 -22.22
C SER A 229 39.44 -4.78 -21.02
N GLY A 230 39.66 -5.37 -19.85
CA GLY A 230 39.70 -4.60 -18.63
C GLY A 230 40.95 -4.80 -17.81
N TYR A 231 41.68 -5.89 -18.05
CA TYR A 231 42.91 -6.13 -17.31
C TYR A 231 44.04 -5.23 -17.80
N ASP A 232 44.02 -4.84 -19.07
CA ASP A 232 45.01 -3.89 -19.58
C ASP A 232 44.89 -2.53 -18.90
N GLN A 233 43.66 -2.05 -18.73
CA GLN A 233 43.45 -0.72 -18.18
C GLN A 233 43.64 -0.72 -16.66
N VAL A 234 43.70 0.49 -16.10
CA VAL A 234 43.87 0.65 -14.66
C VAL A 234 42.85 1.60 -14.04
N LEU A 235 42.23 2.48 -14.81
CA LEU A 235 41.24 3.43 -14.30
C LEU A 235 41.79 4.26 -13.15
N THR A 240 45.43 2.47 -9.84
CA THR A 240 46.02 1.44 -9.00
C THR A 240 45.56 0.05 -9.43
N THR A 241 44.36 -0.32 -8.97
CA THR A 241 43.81 -1.64 -9.29
C THR A 241 43.20 -1.64 -10.69
N ASN A 242 43.46 -2.71 -11.43
CA ASN A 242 42.94 -2.82 -12.79
C ASN A 242 41.43 -2.98 -12.79
N ARG A 243 40.82 -2.69 -13.93
CA ARG A 243 39.36 -2.71 -14.03
C ARG A 243 38.80 -4.11 -13.79
N MET A 244 39.54 -5.16 -14.13
CA MET A 244 39.07 -6.51 -13.87
C MET A 244 38.93 -6.75 -12.37
N HIS A 245 39.92 -6.34 -11.58
CA HIS A 245 39.84 -6.54 -10.14
C HIS A 245 38.68 -5.75 -9.53
N GLU A 246 38.50 -4.50 -9.96
CA GLU A 246 37.41 -3.70 -9.43
C GLU A 246 36.05 -4.29 -9.81
N SER A 247 35.90 -4.70 -11.07
CA SER A 247 34.65 -5.31 -11.51
C SER A 247 34.37 -6.61 -10.75
N LEU A 248 35.41 -7.42 -10.54
CA LEU A 248 35.24 -8.67 -9.81
C LEU A 248 34.85 -8.42 -8.36
N MET A 249 35.50 -7.46 -7.70
CA MET A 249 35.15 -7.16 -6.31
C MET A 249 33.73 -6.61 -6.21
N LEU A 250 33.34 -5.76 -7.16
CA LEU A 250 31.99 -5.20 -7.16
C LEU A 250 30.96 -6.29 -7.44
N PHE A 251 31.29 -7.24 -8.32
CA PHE A 251 30.41 -8.38 -8.54
C PHE A 251 30.26 -9.21 -7.28
N ASP A 252 31.35 -9.44 -6.57
CA ASP A 252 31.27 -10.18 -5.31
C ASP A 252 30.38 -9.46 -4.31
N SER A 253 30.55 -8.14 -4.19
CA SER A 253 29.74 -7.37 -3.26
C SER A 253 28.25 -7.43 -3.61
N ILE A 254 27.93 -7.32 -4.90
CA ILE A 254 26.53 -7.38 -5.31
C ILE A 254 25.96 -8.77 -5.12
N CYS A 255 26.72 -9.80 -5.50
CA CYS A 255 26.24 -11.17 -5.40
C CYS A 255 26.09 -11.62 -3.96
N ASN A 256 26.80 -11.02 -3.02
CA ASN A 256 26.71 -11.40 -1.61
C ASN A 256 25.89 -10.40 -0.79
N ASN A 257 25.14 -9.52 -1.43
CA ASN A 257 24.19 -8.68 -0.72
C ASN A 257 23.05 -9.54 -0.18
N LYS A 258 22.60 -9.23 1.04
CA LYS A 258 21.53 -10.00 1.65
C LYS A 258 20.20 -9.85 0.92
N PHE A 259 20.02 -8.76 0.17
CA PHE A 259 18.77 -8.58 -0.56
C PHE A 259 18.74 -9.44 -1.82
N PHE A 260 19.88 -9.61 -2.49
CA PHE A 260 19.97 -10.35 -3.74
C PHE A 260 20.47 -11.78 -3.54
N ILE A 261 20.10 -12.39 -2.41
CA ILE A 261 20.54 -13.76 -2.14
C ILE A 261 19.77 -14.79 -2.94
N ASP A 262 18.66 -14.40 -3.57
CA ASP A 262 17.89 -15.30 -4.41
C ASP A 262 17.68 -14.79 -5.84
N THR A 263 18.02 -13.54 -6.12
CA THR A 263 17.87 -12.98 -7.46
C THR A 263 19.12 -13.30 -8.26
N SER A 264 18.93 -13.93 -9.42
CA SER A 264 20.05 -14.42 -10.20
C SER A 264 20.74 -13.29 -10.96
N ILE A 265 21.96 -13.57 -11.38
CA ILE A 265 22.81 -12.63 -12.11
C ILE A 265 22.96 -13.13 -13.53
N ILE A 266 22.85 -12.22 -14.49
CA ILE A 266 23.09 -12.52 -15.89
C ILE A 266 24.35 -11.76 -16.28
N LEU A 267 25.49 -12.44 -16.30
CA LEU A 267 26.73 -11.81 -16.74
C LEU A 267 26.75 -11.68 -18.25
N PHE A 268 27.03 -10.48 -18.73
CA PHE A 268 27.28 -10.23 -20.14
C PHE A 268 28.77 -9.92 -20.27
N LEU A 269 29.52 -10.90 -20.77
CA LEU A 269 30.96 -10.76 -20.99
C LEU A 269 31.20 -10.04 -22.32
N ASN A 270 30.81 -8.77 -22.35
CA ASN A 270 30.78 -8.03 -23.60
C ASN A 270 32.19 -7.59 -24.00
N LYS A 271 32.28 -6.95 -25.16
CA LYS A 271 33.52 -6.35 -25.64
C LYS A 271 34.63 -7.39 -25.74
N LYS A 272 34.31 -8.56 -26.29
CA LYS A 272 35.27 -9.64 -26.38
C LYS A 272 36.18 -9.55 -27.61
N ASP A 273 35.88 -8.65 -28.54
CA ASP A 273 36.77 -8.48 -29.69
C ASP A 273 38.13 -7.93 -29.26
N LEU A 274 38.14 -6.94 -28.38
CA LEU A 274 39.40 -6.37 -27.89
C LEU A 274 40.10 -7.29 -26.90
N PHE A 275 39.46 -8.37 -26.46
CA PHE A 275 40.12 -9.33 -25.58
C PHE A 275 41.23 -10.08 -26.29
N GLY A 276 41.22 -10.10 -27.62
CA GLY A 276 42.25 -10.79 -28.38
C GLY A 276 41.75 -11.31 -29.71
N GLY A 293 48.38 -20.92 -16.74
CA GLY A 293 47.89 -21.84 -17.75
C GLY A 293 48.00 -21.30 -19.16
N PRO A 294 47.24 -21.88 -20.08
CA PRO A 294 47.28 -21.41 -21.47
C PRO A 294 46.84 -19.96 -21.58
N ASN A 295 47.45 -19.22 -22.50
CA ASN A 295 47.20 -17.80 -22.69
C ASN A 295 46.49 -17.52 -24.01
N THR A 296 45.66 -18.45 -24.47
CA THR A 296 44.87 -18.23 -25.67
C THR A 296 43.56 -17.52 -25.33
N TYR A 297 42.83 -17.13 -26.38
CA TYR A 297 41.58 -16.40 -26.17
C TYR A 297 40.56 -17.24 -25.42
N GLU A 298 40.30 -18.45 -25.91
CA GLU A 298 39.22 -19.26 -25.36
C GLU A 298 39.50 -19.70 -23.94
N ASP A 299 40.72 -20.19 -23.67
CA ASP A 299 41.05 -20.68 -22.34
C ASP A 299 41.07 -19.55 -21.31
N ALA A 300 41.66 -18.40 -21.64
CA ALA A 300 41.65 -17.28 -20.73
C ALA A 300 40.22 -16.76 -20.51
N ALA A 301 39.41 -16.73 -21.56
CA ALA A 301 38.03 -16.29 -21.42
C ALA A 301 37.24 -17.24 -20.51
N ALA A 302 37.46 -18.55 -20.67
CA ALA A 302 36.80 -19.51 -19.79
C ALA A 302 37.27 -19.35 -18.35
N TYR A 303 38.56 -19.07 -18.15
CA TYR A 303 39.05 -18.83 -16.81
C TYR A 303 38.41 -17.59 -16.19
N ILE A 304 38.23 -16.54 -16.99
CA ILE A 304 37.58 -15.33 -16.48
C ILE A 304 36.12 -15.63 -16.13
N GLN A 305 35.43 -16.41 -16.98
CA GLN A 305 34.06 -16.81 -16.67
C GLN A 305 34.00 -17.57 -15.36
N ALA A 306 34.93 -18.51 -15.15
CA ALA A 306 34.95 -19.28 -13.92
C ALA A 306 35.24 -18.39 -12.71
N GLN A 307 36.17 -17.45 -12.86
CA GLN A 307 36.50 -16.54 -11.76
C GLN A 307 35.30 -15.70 -11.37
N PHE A 308 34.54 -15.22 -12.36
CA PHE A 308 33.33 -14.46 -12.06
C PHE A 308 32.26 -15.35 -11.44
N GLU A 309 32.08 -16.56 -11.97
CA GLU A 309 31.01 -17.44 -11.49
C GLU A 309 31.29 -18.01 -10.11
N SER A 310 32.55 -18.03 -9.68
CA SER A 310 32.89 -18.61 -8.38
C SER A 310 32.47 -17.73 -7.22
N LYS A 311 31.98 -16.51 -7.47
CA LYS A 311 31.71 -15.56 -6.39
C LYS A 311 30.38 -15.82 -5.69
N ASN A 312 29.52 -16.68 -6.24
CA ASN A 312 28.30 -17.02 -5.53
C ASN A 312 28.53 -18.16 -4.55
N ARG A 313 27.75 -18.16 -3.48
CA ARG A 313 27.84 -19.21 -2.48
C ARG A 313 26.47 -19.65 -2.00
N SER A 314 25.47 -19.62 -2.89
CA SER A 314 24.14 -20.10 -2.59
C SER A 314 23.74 -21.15 -3.62
N PRO A 315 23.08 -22.23 -3.19
CA PRO A 315 22.70 -23.29 -4.13
C PRO A 315 21.51 -22.93 -4.99
N ASN A 316 20.74 -21.91 -4.63
CA ASN A 316 19.55 -21.51 -5.36
C ASN A 316 19.77 -20.26 -6.21
N LYS A 317 21.02 -19.87 -6.44
CA LYS A 317 21.37 -18.70 -7.24
C LYS A 317 22.25 -19.13 -8.39
N GLU A 318 21.87 -18.77 -9.61
CA GLU A 318 22.54 -19.22 -10.81
C GLU A 318 22.98 -18.02 -11.65
N ILE A 319 24.24 -18.03 -12.08
CA ILE A 319 24.80 -16.96 -12.90
C ILE A 319 24.83 -17.42 -14.35
N TYR A 320 24.25 -16.64 -15.24
CA TYR A 320 24.25 -16.92 -16.66
C TYR A 320 25.27 -16.04 -17.37
N CYS A 321 26.15 -16.66 -18.14
CA CYS A 321 27.22 -15.97 -18.82
C CYS A 321 27.02 -16.05 -20.34
N HIS A 322 27.47 -15.02 -21.04
CA HIS A 322 27.41 -15.01 -22.49
C HIS A 322 28.52 -14.10 -23.02
N MET A 323 28.96 -14.40 -24.24
CA MET A 323 30.09 -13.71 -24.85
C MET A 323 29.64 -13.06 -26.15
N THR A 324 29.95 -11.77 -26.30
CA THR A 324 29.48 -11.01 -27.46
C THR A 324 30.58 -10.10 -27.97
N CYS A 325 30.49 -9.79 -29.27
CA CYS A 325 31.39 -8.88 -29.95
C CYS A 325 30.90 -7.44 -29.93
N ALA A 326 29.80 -7.16 -29.23
CA ALA A 326 29.13 -5.86 -29.18
C ALA A 326 28.62 -5.41 -30.54
N THR A 327 28.52 -6.31 -31.51
CA THR A 327 28.03 -6.00 -32.85
C THR A 327 27.06 -7.11 -33.27
N ASP A 328 26.12 -7.44 -32.40
CA ASP A 328 25.17 -8.51 -32.66
C ASP A 328 23.82 -8.16 -32.04
N THR A 329 22.79 -8.88 -32.49
CA THR A 329 21.43 -8.68 -32.01
C THR A 329 20.99 -9.80 -31.08
N ASN A 330 21.92 -10.57 -30.52
CA ASN A 330 21.60 -11.72 -29.70
C ASN A 330 21.40 -11.38 -28.22
N ASN A 331 21.71 -10.15 -27.80
CA ASN A 331 21.66 -9.82 -26.39
C ASN A 331 20.25 -9.67 -25.85
N ILE A 332 19.23 -9.68 -26.70
CA ILE A 332 17.87 -9.78 -26.20
C ILE A 332 17.46 -11.24 -26.06
N GLN A 333 17.88 -12.08 -27.01
CA GLN A 333 17.55 -13.51 -26.92
C GLN A 333 18.22 -14.16 -25.73
N VAL A 334 19.46 -13.78 -25.42
CA VAL A 334 20.15 -14.35 -24.26
C VAL A 334 19.43 -13.97 -22.97
N VAL A 335 19.04 -12.70 -22.85
CA VAL A 335 18.30 -12.25 -21.67
C VAL A 335 16.96 -12.97 -21.58
N PHE A 336 16.29 -13.16 -22.71
CA PHE A 336 15.01 -13.86 -22.70
C PHE A 336 15.17 -15.30 -22.24
N ASP A 337 16.19 -16.00 -22.75
CA ASP A 337 16.43 -17.38 -22.33
C ASP A 337 16.77 -17.46 -20.85
N ALA A 338 17.63 -16.56 -20.37
CA ALA A 338 17.99 -16.55 -18.97
C ALA A 338 16.77 -16.24 -18.10
N VAL A 339 15.91 -15.31 -18.52
CA VAL A 339 14.73 -14.98 -17.74
C VAL A 339 13.75 -16.14 -17.72
N THR A 340 13.63 -16.86 -18.83
CA THR A 340 12.80 -18.07 -18.82
C THR A 340 13.33 -19.08 -17.81
N ASP A 341 14.66 -19.26 -17.78
CA ASP A 341 15.24 -20.18 -16.81
C ASP A 341 15.01 -19.69 -15.38
N ILE A 342 15.10 -18.39 -15.15
CA ILE A 342 14.87 -17.84 -13.82
C ILE A 342 13.43 -18.05 -13.39
N ILE A 343 12.49 -17.81 -14.29
CA ILE A 343 11.08 -18.05 -13.98
C ILE A 343 10.84 -19.52 -13.70
N ILE A 344 11.47 -20.41 -14.47
CA ILE A 344 11.31 -21.84 -14.24
C ILE A 344 11.83 -22.23 -12.87
N ALA A 345 13.00 -21.72 -12.50
CA ALA A 345 13.56 -22.03 -11.18
C ALA A 345 12.70 -21.46 -10.06
N ASN A 346 12.16 -20.24 -10.25
CA ASN A 346 11.30 -19.64 -9.24
C ASN A 346 10.02 -20.45 -9.06
N ASN A 347 9.44 -20.93 -10.17
CA ASN A 347 8.25 -21.75 -10.05
C ASN A 347 8.57 -23.10 -9.42
N LEU A 348 9.75 -23.65 -9.70
CA LEU A 348 10.15 -24.89 -9.04
C LEU A 348 10.26 -24.70 -7.54
N ARG A 349 10.90 -23.62 -7.10
CA ARG A 349 11.03 -23.39 -5.66
C ARG A 349 9.69 -23.03 -5.04
N GLY A 350 8.78 -22.44 -5.81
CA GLY A 350 7.42 -22.25 -5.33
C GLY A 350 6.68 -23.55 -5.15
N CYS A 351 6.94 -24.53 -6.01
CA CYS A 351 6.35 -25.85 -5.86
C CYS A 351 6.80 -26.53 -4.58
N GLY A 352 7.87 -26.05 -3.95
CA GLY A 352 8.43 -26.66 -2.77
C GLY A 352 9.54 -27.65 -3.06
N LEU A 353 9.69 -28.08 -4.30
CA LEU A 353 10.73 -29.02 -4.69
C LEU A 353 11.87 -28.22 -5.32
N TYR A 354 13.06 -28.32 -4.75
CA TYR A 354 14.19 -27.52 -5.18
C TYR A 354 15.03 -28.23 -6.23
N GLN B 15 47.85 23.48 6.08
CA GLN B 15 47.80 23.88 7.48
C GLN B 15 46.36 24.08 7.95
N LEU B 16 45.46 24.30 6.99
CA LEU B 16 44.06 24.52 7.34
C LEU B 16 43.42 23.29 7.96
N ARG B 17 43.92 22.10 7.61
CA ARG B 17 43.44 20.88 8.26
C ARG B 17 43.79 20.88 9.74
N GLN B 18 45.00 21.32 10.08
CA GLN B 18 45.39 21.40 11.48
C GLN B 18 44.57 22.45 12.22
N GLU B 19 44.27 23.57 11.56
CA GLU B 19 43.40 24.58 12.17
C GLU B 19 42.01 24.03 12.42
N ALA B 20 41.48 23.26 11.46
CA ALA B 20 40.17 22.64 11.65
C ALA B 20 40.21 21.64 12.81
N GLU B 21 41.28 20.87 12.92
CA GLU B 21 41.41 19.93 14.03
C GLU B 21 41.47 20.66 15.36
N GLN B 22 42.20 21.77 15.41
CA GLN B 22 42.26 22.57 16.64
C GLN B 22 40.89 23.13 17.00
N LEU B 23 40.13 23.60 15.99
CA LEU B 23 38.79 24.10 16.25
C LEU B 23 37.88 22.99 16.75
N LYS B 24 38.00 21.79 16.18
CA LYS B 24 37.23 20.66 16.67
C LYS B 24 37.58 20.32 18.12
N ASN B 25 38.87 20.35 18.45
CA ASN B 25 39.30 20.08 19.81
C ASN B 25 38.74 21.11 20.78
N GLN B 26 38.78 22.40 20.41
CA GLN B 26 38.29 23.41 21.32
C GLN B 26 36.77 23.35 21.46
N ILE B 27 36.05 23.03 20.38
CA ILE B 27 34.61 22.95 20.47
C ILE B 27 34.18 21.74 21.29
N ARG B 28 34.90 20.61 21.16
CA ARG B 28 34.57 19.46 22.00
C ARG B 28 34.93 19.70 23.46
N ASP B 29 36.02 20.44 23.72
CA ASP B 29 36.32 20.82 25.09
C ASP B 29 35.23 21.71 25.68
N ALA B 30 34.74 22.67 24.89
CA ALA B 30 33.65 23.51 25.35
C ALA B 30 32.38 22.68 25.60
N ARG B 31 32.12 21.70 24.74
CA ARG B 31 30.97 20.82 24.94
C ARG B 31 31.11 20.04 26.24
N LYS B 32 32.30 19.50 26.51
CA LYS B 32 32.52 18.75 27.74
C LYS B 32 32.42 19.65 28.96
N ALA B 33 32.80 20.92 28.82
CA ALA B 33 32.75 21.85 29.95
C ALA B 33 31.33 22.07 30.46
N CYS B 34 30.32 21.81 29.64
CA CYS B 34 28.92 22.01 29.99
C CYS B 34 28.16 20.68 30.02
N ALA B 35 28.78 19.65 30.58
CA ALA B 35 28.16 18.33 30.64
C ALA B 35 28.11 17.80 32.06
N ASP B 36 27.67 18.62 33.01
CA ASP B 36 27.64 18.19 34.41
C ASP B 36 26.65 17.04 34.62
N ALA B 37 25.47 17.14 34.00
CA ALA B 37 24.43 16.13 34.11
C ALA B 37 24.28 15.39 32.80
N THR B 38 23.81 14.14 32.90
CA THR B 38 23.69 13.26 31.73
C THR B 38 22.25 12.81 31.50
N LEU B 39 21.28 13.50 32.10
CA LEU B 39 19.85 13.21 32.01
C LEU B 39 19.49 11.87 32.64
N SER B 40 20.47 11.11 33.11
CA SER B 40 20.22 9.90 33.89
C SER B 40 20.45 10.10 35.37
N GLN B 41 21.40 10.96 35.73
CA GLN B 41 21.52 11.39 37.12
C GLN B 41 20.29 12.19 37.54
N ILE B 42 19.72 12.95 36.62
CA ILE B 42 18.43 13.59 36.84
C ILE B 42 17.32 12.62 36.47
N THR B 43 16.09 12.96 36.86
CA THR B 43 14.87 12.19 36.64
C THR B 43 14.81 10.91 37.47
N ASN B 44 15.73 10.72 38.42
CA ASN B 44 15.58 9.61 39.36
C ASN B 44 14.36 9.78 40.23
N ASN B 45 14.11 11.01 40.70
CA ASN B 45 12.91 11.28 41.47
C ASN B 45 11.65 11.20 40.62
N ILE B 46 11.77 11.34 39.30
CA ILE B 46 10.63 11.21 38.41
C ILE B 46 10.27 9.73 38.28
N ASP B 47 9.00 9.41 38.53
CA ASP B 47 8.58 8.02 38.47
C ASP B 47 8.60 7.51 37.03
N PRO B 48 8.91 6.23 36.83
CA PRO B 48 8.89 5.66 35.49
C PRO B 48 7.46 5.54 34.97
N VAL B 49 7.35 5.61 33.64
CA VAL B 49 6.05 5.46 33.00
C VAL B 49 5.65 3.98 33.00
N GLY B 50 4.37 3.72 33.25
CA GLY B 50 3.89 2.36 33.19
C GLY B 50 4.00 1.79 31.80
N ARG B 51 4.08 0.46 31.73
CA ARG B 51 4.25 -0.23 30.45
C ARG B 51 3.12 0.14 29.51
N ILE B 52 3.47 0.81 28.41
CA ILE B 52 2.48 1.27 27.45
C ILE B 52 2.05 0.10 26.58
N GLN B 53 0.78 -0.26 26.66
CA GLN B 53 0.21 -1.31 25.83
C GLN B 53 -0.50 -0.67 24.66
N MET B 54 -0.07 -1.00 23.45
CA MET B 54 -0.61 -0.43 22.23
C MET B 54 -1.11 -1.54 21.33
N ARG B 55 -2.31 -1.36 20.78
CA ARG B 55 -2.95 -2.37 19.95
C ARG B 55 -3.23 -1.79 18.58
N THR B 56 -3.15 -2.65 17.57
CA THR B 56 -3.40 -2.22 16.19
C THR B 56 -4.89 -1.88 16.06
N ARG B 57 -5.21 -0.60 16.16
CA ARG B 57 -6.61 -0.19 16.07
C ARG B 57 -7.13 -0.30 14.65
N ARG B 58 -6.29 0.01 13.66
CA ARG B 58 -6.69 -0.05 12.27
C ARG B 58 -5.48 -0.41 11.42
N THR B 59 -5.70 -1.27 10.43
CA THR B 59 -4.68 -1.64 9.47
C THR B 59 -5.13 -1.17 8.08
N LEU B 60 -4.19 -0.63 7.32
CA LEU B 60 -4.48 -0.02 6.02
C LEU B 60 -3.88 -0.91 4.94
N ARG B 61 -4.65 -1.91 4.52
CA ARG B 61 -4.16 -2.94 3.61
C ARG B 61 -4.56 -2.61 2.16
N GLY B 62 -3.88 -1.61 1.61
CA GLY B 62 -4.14 -1.22 0.24
C GLY B 62 -2.94 -1.27 -0.67
N HIS B 63 -1.74 -1.11 -0.11
CA HIS B 63 -0.53 -1.07 -0.92
C HIS B 63 -0.15 -2.47 -1.39
N LEU B 64 0.76 -2.52 -2.36
CA LEU B 64 1.15 -3.77 -2.97
C LEU B 64 2.64 -4.05 -2.92
N ALA B 65 3.46 -3.13 -2.42
CA ALA B 65 4.90 -3.34 -2.31
C ALA B 65 5.40 -2.57 -1.10
N LYS B 66 6.71 -2.50 -0.95
CA LYS B 66 7.29 -1.78 0.18
C LYS B 66 6.85 -0.32 0.15
N ILE B 67 6.62 0.22 1.34
CA ILE B 67 6.26 1.63 1.49
C ILE B 67 7.39 2.33 2.24
N TYR B 68 7.78 3.50 1.76
CA TYR B 68 8.96 4.17 2.29
C TYR B 68 8.68 5.46 3.06
N ALA B 69 7.44 5.92 3.10
CA ALA B 69 7.17 7.10 3.91
C ALA B 69 5.68 7.20 4.19
N MET B 70 5.36 7.95 5.23
CA MET B 70 4.00 8.40 5.47
C MET B 70 4.07 9.67 6.30
N HIS B 71 3.07 10.53 6.11
CA HIS B 71 3.04 11.79 6.83
C HIS B 71 1.59 12.14 7.15
N TRP B 72 1.36 12.63 8.35
CA TRP B 72 0.02 12.99 8.80
C TRP B 72 -0.33 14.41 8.36
N GLY B 73 -1.60 14.63 8.06
CA GLY B 73 -2.07 15.97 7.82
C GLY B 73 -2.17 16.75 9.10
N THR B 74 -2.47 18.04 8.96
CA THR B 74 -2.67 18.87 10.14
C THR B 74 -3.91 18.43 10.92
N ASP B 75 -4.95 18.00 10.23
CA ASP B 75 -6.17 17.55 10.88
C ASP B 75 -6.02 16.23 11.60
N SER B 76 -4.89 15.53 11.41
CA SER B 76 -4.63 14.24 12.06
C SER B 76 -5.67 13.19 11.68
N ARG B 77 -6.16 13.24 10.45
CA ARG B 77 -7.14 12.26 9.99
C ARG B 77 -6.73 11.68 8.65
N LEU B 78 -5.94 12.42 7.89
CA LEU B 78 -5.47 12.00 6.58
C LEU B 78 -3.96 11.78 6.61
N LEU B 79 -3.52 10.69 5.98
CA LEU B 79 -2.09 10.39 5.92
C LEU B 79 -1.73 9.88 4.54
N VAL B 80 -0.64 10.40 3.97
CA VAL B 80 -0.21 10.05 2.63
C VAL B 80 0.97 9.09 2.73
N SER B 81 0.93 8.03 1.93
CA SER B 81 1.98 7.01 1.95
C SER B 81 2.43 6.69 0.53
N ALA B 82 3.74 6.48 0.37
CA ALA B 82 4.35 6.19 -0.93
C ALA B 82 4.84 4.76 -0.97
N SER B 83 4.47 4.04 -2.01
CA SER B 83 4.88 2.66 -2.18
C SER B 83 5.76 2.50 -3.40
N GLN B 84 6.25 1.28 -3.62
CA GLN B 84 6.96 0.94 -4.84
C GLN B 84 6.05 0.45 -5.95
N ASP B 85 4.75 0.31 -5.67
CA ASP B 85 3.79 0.08 -6.73
C ASP B 85 3.81 1.24 -7.70
N GLY B 86 4.30 2.40 -7.26
CA GLY B 86 4.23 3.61 -8.02
C GLY B 86 3.09 4.52 -7.59
N LYS B 87 2.67 4.44 -6.33
CA LYS B 87 1.44 5.05 -5.89
C LYS B 87 1.65 5.82 -4.58
N LEU B 88 1.08 7.02 -4.54
CA LEU B 88 0.77 7.72 -3.31
C LEU B 88 -0.68 7.40 -2.96
N ILE B 89 -0.95 7.14 -1.69
CA ILE B 89 -2.32 6.92 -1.24
C ILE B 89 -2.58 7.85 -0.07
N ILE B 90 -3.71 8.54 -0.10
CA ILE B 90 -4.12 9.44 0.97
C ILE B 90 -5.19 8.70 1.75
N TRP B 91 -4.77 8.02 2.80
CA TRP B 91 -5.66 7.26 3.67
C TRP B 91 -6.44 8.18 4.59
N ASP B 92 -7.72 7.87 4.76
CA ASP B 92 -8.53 8.42 5.84
C ASP B 92 -8.30 7.56 7.06
N SER B 93 -7.54 8.08 8.03
CA SER B 93 -7.07 7.26 9.14
C SER B 93 -8.21 6.73 9.99
N TYR B 94 -9.23 7.55 10.24
CA TYR B 94 -10.28 7.17 11.17
C TYR B 94 -11.13 6.02 10.64
N THR B 95 -11.32 5.94 9.31
CA THR B 95 -12.19 4.93 8.73
C THR B 95 -11.51 4.05 7.70
N THR B 96 -10.18 4.14 7.58
CA THR B 96 -9.41 3.31 6.64
C THR B 96 -9.96 3.42 5.21
N ASN B 97 -10.10 4.65 4.74
CA ASN B 97 -10.60 4.92 3.40
C ASN B 97 -9.51 5.61 2.58
N LYS B 98 -9.50 5.33 1.28
CA LYS B 98 -8.54 5.91 0.36
C LYS B 98 -9.17 7.13 -0.30
N VAL B 99 -8.75 8.31 0.13
CA VAL B 99 -9.24 9.55 -0.46
C VAL B 99 -8.70 9.73 -1.88
N HIS B 100 -7.40 9.54 -2.05
CA HIS B 100 -6.74 9.76 -3.33
C HIS B 100 -5.74 8.65 -3.59
N ALA B 101 -5.69 8.18 -4.83
CA ALA B 101 -4.71 7.20 -5.28
C ALA B 101 -3.92 7.83 -6.42
N ILE B 102 -2.87 8.56 -6.06
CA ILE B 102 -2.06 9.30 -7.02
C ILE B 102 -1.10 8.35 -7.72
N PRO B 103 -1.19 8.19 -9.04
CA PRO B 103 -0.22 7.35 -9.75
C PRO B 103 1.02 8.16 -10.15
N LEU B 104 2.19 7.71 -9.74
CA LEU B 104 3.42 8.45 -9.99
C LEU B 104 3.97 8.12 -11.37
N ARG B 105 4.72 9.07 -11.92
CA ARG B 105 5.39 8.83 -13.20
C ARG B 105 6.44 7.73 -13.07
N SER B 106 7.21 7.74 -11.99
CA SER B 106 8.25 6.74 -11.76
C SER B 106 8.06 6.13 -10.38
N SER B 107 8.08 4.79 -10.33
CA SER B 107 7.66 4.08 -9.12
C SER B 107 8.62 4.30 -7.96
N TRP B 108 9.91 4.48 -8.25
CA TRP B 108 10.91 4.50 -7.17
C TRP B 108 10.84 5.79 -6.36
N VAL B 109 9.95 5.81 -5.37
CA VAL B 109 9.74 6.96 -4.50
C VAL B 109 10.09 6.55 -3.08
N MET B 110 10.79 7.44 -2.36
CA MET B 110 11.24 7.12 -1.01
C MET B 110 10.97 8.25 -0.04
N THR B 111 9.90 9.02 -0.24
CA THR B 111 9.56 10.10 0.67
C THR B 111 8.12 10.50 0.49
N CYS B 112 7.62 11.26 1.47
CA CYS B 112 6.30 11.88 1.40
C CYS B 112 6.34 13.18 2.17
N ALA B 113 5.36 14.03 1.91
CA ALA B 113 5.20 15.27 2.66
C ALA B 113 3.78 15.76 2.47
N TYR B 114 2.99 15.78 3.53
CA TYR B 114 1.64 16.32 3.49
C TYR B 114 1.71 17.77 3.96
N ALA B 115 1.26 18.69 3.13
CA ALA B 115 1.40 20.11 3.44
C ALA B 115 0.55 20.45 4.67
N PRO B 116 0.94 21.49 5.42
CA PRO B 116 0.10 21.90 6.55
C PRO B 116 -1.34 22.19 6.16
N SER B 117 -1.55 22.74 4.97
CA SER B 117 -2.88 22.75 4.36
C SER B 117 -3.05 21.45 3.59
N GLY B 118 -4.25 20.87 3.69
CA GLY B 118 -4.49 19.57 3.08
C GLY B 118 -4.48 19.56 1.56
N ASN B 119 -4.02 20.65 0.93
CA ASN B 119 -4.17 20.79 -0.51
C ASN B 119 -2.97 20.26 -1.30
N TYR B 120 -1.78 20.25 -0.71
CA TYR B 120 -0.57 19.90 -1.44
C TYR B 120 0.09 18.66 -0.83
N VAL B 121 0.67 17.83 -1.69
CA VAL B 121 1.44 16.67 -1.26
C VAL B 121 2.70 16.60 -2.12
N ALA B 122 3.71 15.87 -1.64
CA ALA B 122 4.98 15.77 -2.34
C ALA B 122 5.49 14.34 -2.30
N CYS B 123 6.28 13.98 -3.31
CA CYS B 123 6.93 12.67 -3.28
C CYS B 123 8.01 12.59 -4.36
N GLY B 124 9.15 11.98 -4.02
CA GLY B 124 10.12 11.54 -4.99
C GLY B 124 11.38 10.99 -4.36
N GLY B 125 11.84 9.82 -4.78
CA GLY B 125 12.99 9.22 -4.12
C GLY B 125 14.22 8.93 -4.96
N LEU B 126 14.05 8.49 -6.21
CA LEU B 126 15.16 8.22 -7.10
C LEU B 126 15.07 9.00 -8.40
N ASP B 127 14.04 9.82 -8.57
CA ASP B 127 13.87 10.62 -9.77
C ASP B 127 14.65 11.92 -9.70
N ASN B 128 15.33 12.18 -8.58
CA ASN B 128 16.03 13.42 -8.28
C ASN B 128 15.06 14.59 -8.09
N ILE B 129 13.75 14.36 -8.24
CA ILE B 129 12.75 15.41 -8.27
C ILE B 129 11.66 15.08 -7.27
N CYS B 130 11.18 16.11 -6.56
CA CYS B 130 10.05 15.97 -5.64
C CYS B 130 8.81 16.47 -6.36
N SER B 131 8.08 15.55 -6.98
CA SER B 131 6.84 15.92 -7.63
C SER B 131 5.86 16.45 -6.58
N ILE B 132 5.33 17.64 -6.84
CA ILE B 132 4.38 18.31 -5.96
C ILE B 132 3.01 18.20 -6.62
N TYR B 133 2.10 17.50 -5.95
CA TYR B 133 0.77 17.23 -6.45
C TYR B 133 -0.23 18.12 -5.73
N ASN B 134 -1.19 18.63 -6.51
CA ASN B 134 -2.24 19.50 -6.01
C ASN B 134 -3.50 18.66 -5.83
N LEU B 135 -4.03 18.64 -4.61
CA LEU B 135 -5.17 17.80 -4.29
C LEU B 135 -6.51 18.52 -4.40
N LYS B 136 -6.52 19.85 -4.37
CA LYS B 136 -7.73 20.65 -4.48
C LYS B 136 -7.69 21.38 -5.81
N THR B 137 -8.24 20.74 -6.85
CA THR B 137 -8.28 21.29 -8.18
C THR B 137 -9.71 21.33 -8.68
N ARG B 138 -10.02 22.34 -9.50
CA ARG B 138 -11.36 22.46 -10.07
C ARG B 138 -11.70 21.26 -10.94
N GLU B 139 -10.68 20.67 -11.59
CA GLU B 139 -10.91 19.50 -12.43
C GLU B 139 -11.29 18.27 -11.62
N GLY B 140 -11.04 18.28 -10.32
CA GLY B 140 -11.44 17.19 -9.45
C GLY B 140 -10.49 16.02 -9.38
N ASN B 141 -9.41 16.03 -10.16
CA ASN B 141 -8.41 14.98 -10.11
C ASN B 141 -7.09 15.56 -9.64
N VAL B 142 -6.32 14.74 -8.95
CA VAL B 142 -5.01 15.16 -8.48
C VAL B 142 -4.07 15.31 -9.68
N ARG B 143 -3.37 16.43 -9.73
CA ARG B 143 -2.52 16.76 -10.86
C ARG B 143 -1.17 17.22 -10.34
N VAL B 144 -0.11 16.92 -11.10
CA VAL B 144 1.22 17.32 -10.69
C VAL B 144 1.35 18.83 -10.83
N SER B 145 1.28 19.53 -9.69
CA SER B 145 1.38 20.99 -9.73
C SER B 145 2.77 21.44 -10.11
N ARG B 146 3.79 20.70 -9.71
CA ARG B 146 5.15 21.11 -10.04
C ARG B 146 6.07 19.90 -10.00
N GLU B 147 7.24 20.04 -10.64
CA GLU B 147 8.29 19.04 -10.61
C GLU B 147 9.62 19.77 -10.48
N LEU B 148 10.26 19.63 -9.31
CA LEU B 148 11.45 20.40 -8.99
C LEU B 148 12.69 19.56 -9.29
N ALA B 149 13.47 19.99 -10.28
CA ALA B 149 14.64 19.25 -10.75
C ALA B 149 15.89 20.09 -10.52
N GLY B 150 16.55 19.86 -9.40
CA GLY B 150 17.81 20.52 -9.13
C GLY B 150 18.79 19.65 -8.38
N HIS B 151 18.46 18.37 -8.23
CA HIS B 151 19.27 17.42 -7.48
C HIS B 151 19.92 16.42 -8.43
N THR B 152 21.06 15.89 -8.00
CA THR B 152 21.81 14.91 -8.77
C THR B 152 21.91 13.56 -8.07
N GLY B 153 21.06 13.32 -7.07
CA GLY B 153 21.08 12.07 -6.33
C GLY B 153 19.70 11.75 -5.81
N TYR B 154 19.58 10.55 -5.23
CA TYR B 154 18.30 10.08 -4.73
C TYR B 154 17.76 11.05 -3.67
N LEU B 155 16.48 11.38 -3.78
CA LEU B 155 15.86 12.39 -2.92
C LEU B 155 15.25 11.68 -1.71
N SER B 156 15.95 11.74 -0.58
CA SER B 156 15.59 10.90 0.55
C SER B 156 14.35 11.41 1.27
N CYS B 157 14.28 12.72 1.52
CA CYS B 157 13.19 13.27 2.33
C CYS B 157 12.82 14.67 1.85
N CYS B 158 11.57 15.04 2.09
CA CYS B 158 11.06 16.35 1.72
C CYS B 158 9.97 16.74 2.71
N ARG B 159 9.95 18.02 3.09
CA ARG B 159 8.93 18.52 4.02
C ARG B 159 8.43 19.86 3.51
N PHE B 160 7.22 20.22 3.95
CA PHE B 160 6.55 21.44 3.55
C PHE B 160 6.68 22.47 4.67
N LEU B 161 7.20 23.65 4.34
CA LEU B 161 7.16 24.76 5.30
C LEU B 161 5.80 25.45 5.25
N ASP B 162 5.40 25.92 4.07
CA ASP B 162 4.11 26.55 3.86
C ASP B 162 3.39 25.83 2.73
N ASP B 163 2.31 26.41 2.23
CA ASP B 163 1.65 25.85 1.06
C ASP B 163 2.59 25.80 -0.13
N ASN B 164 3.61 26.64 -0.14
CA ASN B 164 4.73 26.51 -1.06
C ASN B 164 6.03 26.51 -0.25
N GLN B 165 7.18 26.62 -0.92
CA GLN B 165 8.47 26.76 -0.25
C GLN B 165 8.78 25.54 0.62
N ILE B 166 8.98 24.41 -0.06
CA ILE B 166 9.27 23.15 0.61
C ILE B 166 10.78 23.03 0.87
N VAL B 167 11.15 22.07 1.71
CA VAL B 167 12.55 21.74 1.98
C VAL B 167 12.75 20.27 1.64
N THR B 168 13.79 19.98 0.84
CA THR B 168 14.09 18.61 0.45
C THR B 168 15.57 18.31 0.70
N SER B 169 15.86 17.04 0.95
CA SER B 169 17.22 16.55 1.11
C SER B 169 17.43 15.35 0.20
N SER B 170 18.54 15.33 -0.52
CA SER B 170 18.76 14.33 -1.55
C SER B 170 20.12 13.68 -1.39
N GLY B 171 20.34 12.62 -2.17
CA GLY B 171 21.57 11.85 -2.08
C GLY B 171 22.81 12.56 -2.56
N ASP B 172 22.66 13.76 -3.13
CA ASP B 172 23.80 14.55 -3.54
C ASP B 172 24.32 15.45 -2.42
N THR B 173 24.09 15.08 -1.17
CA THR B 173 24.62 15.77 0.00
C THR B 173 24.18 17.23 0.07
N THR B 174 22.97 17.53 -0.41
CA THR B 174 22.46 18.89 -0.40
C THR B 174 21.03 18.93 0.08
N CYS B 175 20.69 20.01 0.77
CA CYS B 175 19.31 20.32 1.14
C CYS B 175 18.87 21.56 0.37
N ALA B 176 17.63 21.52 -0.15
CA ALA B 176 17.26 22.42 -1.24
C ALA B 176 16.60 23.71 -0.76
N LEU B 177 15.47 23.62 -0.05
CA LEU B 177 14.57 24.75 0.19
C LEU B 177 14.07 25.31 -1.15
N TRP B 178 13.28 24.48 -1.81
CA TRP B 178 12.68 24.79 -3.09
C TRP B 178 11.68 25.94 -2.98
N ASP B 179 11.09 26.30 -4.10
CA ASP B 179 10.02 27.30 -4.17
C ASP B 179 9.02 26.83 -5.21
N ILE B 180 7.82 26.49 -4.78
CA ILE B 180 6.88 25.78 -5.64
C ILE B 180 6.47 26.64 -6.83
N GLU B 181 6.18 27.92 -6.60
CA GLU B 181 5.66 28.76 -7.68
C GLU B 181 6.67 28.92 -8.81
N THR B 182 7.94 29.15 -8.47
CA THR B 182 8.96 29.36 -9.50
C THR B 182 9.68 28.07 -9.88
N GLY B 183 9.80 27.13 -8.96
CA GLY B 183 10.51 25.88 -9.24
C GLY B 183 12.01 25.96 -9.12
N GLN B 184 12.56 27.04 -8.56
CA GLN B 184 13.99 27.24 -8.50
C GLN B 184 14.50 27.12 -7.06
N GLN B 185 15.81 26.98 -6.93
CA GLN B 185 16.50 26.92 -5.65
C GLN B 185 16.42 28.29 -4.99
N THR B 186 15.50 28.45 -4.03
CA THR B 186 15.50 29.68 -3.25
C THR B 186 16.79 29.82 -2.45
N THR B 187 17.25 28.72 -1.86
CA THR B 187 18.50 28.68 -1.13
C THR B 187 19.15 27.34 -1.46
N THR B 188 20.33 27.09 -0.89
CA THR B 188 20.94 25.77 -0.97
C THR B 188 21.75 25.53 0.29
N PHE B 189 21.70 24.30 0.80
CA PHE B 189 22.38 23.93 2.02
C PHE B 189 23.47 22.94 1.66
N THR B 190 24.63 23.47 1.30
CA THR B 190 25.80 22.66 0.94
C THR B 190 26.92 22.93 1.94
N GLY B 191 26.85 22.23 3.06
CA GLY B 191 27.91 22.25 4.06
C GLY B 191 28.07 20.88 4.66
N HIS B 192 27.67 19.87 3.89
CA HIS B 192 27.49 18.51 4.39
C HIS B 192 28.51 17.59 3.74
N THR B 193 29.27 16.86 4.55
CA THR B 193 30.34 16.04 4.01
C THR B 193 29.82 14.74 3.42
N GLY B 194 28.86 14.11 4.09
CA GLY B 194 28.29 12.85 3.62
C GLY B 194 26.91 13.03 3.04
N ASP B 195 26.24 11.90 2.81
CA ASP B 195 24.89 11.89 2.29
C ASP B 195 23.92 12.48 3.30
N VAL B 196 22.65 12.57 2.93
CA VAL B 196 21.56 12.92 3.85
C VAL B 196 20.40 11.97 3.59
N MET B 197 19.75 11.52 4.66
CA MET B 197 18.68 10.53 4.55
C MET B 197 17.34 11.00 5.07
N SER B 198 17.30 11.94 6.00
CA SER B 198 16.02 12.45 6.50
C SER B 198 16.25 13.76 7.22
N LEU B 199 15.22 14.60 7.20
CA LEU B 199 15.26 15.91 7.86
C LEU B 199 13.98 16.11 8.64
N SER B 200 14.04 17.03 9.61
CA SER B 200 12.87 17.38 10.40
C SER B 200 12.84 18.88 10.58
N LEU B 201 11.66 19.47 10.38
CA LEU B 201 11.45 20.90 10.51
C LEU B 201 10.76 21.22 11.82
N ALA B 202 11.06 22.40 12.37
CA ALA B 202 10.51 22.80 13.65
C ALA B 202 9.04 23.15 13.53
N PRO B 203 8.31 23.14 14.65
CA PRO B 203 6.93 23.66 14.61
C PRO B 203 6.85 25.09 14.10
N ASP B 204 7.82 25.93 14.47
CA ASP B 204 8.04 27.19 13.79
C ASP B 204 9.16 26.99 12.77
N THR B 205 8.82 27.18 11.50
CA THR B 205 9.64 26.68 10.40
C THR B 205 10.86 27.54 10.15
N ARG B 206 11.27 28.35 11.13
CA ARG B 206 12.45 29.20 10.95
C ARG B 206 13.71 28.40 10.70
N LEU B 207 13.80 27.19 11.28
CA LEU B 207 15.01 26.40 11.13
C LEU B 207 14.66 24.92 11.24
N PHE B 208 15.49 24.08 10.63
CA PHE B 208 15.26 22.63 10.62
C PHE B 208 16.59 21.92 10.83
N VAL B 209 16.56 20.59 10.83
CA VAL B 209 17.78 19.80 10.91
C VAL B 209 17.72 18.71 9.85
N SER B 210 18.90 18.24 9.46
CA SER B 210 19.02 17.18 8.46
C SER B 210 19.98 16.13 8.96
N GLY B 211 19.73 14.88 8.53
CA GLY B 211 20.55 13.75 8.90
C GLY B 211 21.78 13.63 8.03
N ALA B 212 22.36 12.44 8.02
CA ALA B 212 23.60 12.21 7.30
C ALA B 212 23.81 10.73 7.08
N CYS B 213 24.85 10.40 6.32
CA CYS B 213 25.42 9.07 6.29
C CYS B 213 26.83 9.05 6.86
N ASP B 214 27.30 10.16 7.39
CA ASP B 214 28.58 10.24 8.07
C ASP B 214 28.42 10.34 9.59
N ALA B 215 27.29 9.89 10.11
CA ALA B 215 27.01 9.89 11.54
C ALA B 215 27.08 11.31 12.11
N SER B 216 26.22 12.17 11.57
CA SER B 216 26.12 13.54 12.04
C SER B 216 24.73 14.08 11.72
N ALA B 217 24.38 15.19 12.35
CA ALA B 217 23.14 15.88 12.07
C ALA B 217 23.39 17.37 12.11
N LYS B 218 22.88 18.09 11.12
CA LYS B 218 23.16 19.50 10.98
C LYS B 218 21.91 20.33 11.24
N LEU B 219 22.10 21.50 11.84
CA LEU B 219 21.02 22.42 12.20
C LEU B 219 21.01 23.55 11.18
N TRP B 220 20.22 23.36 10.12
CA TRP B 220 20.13 24.34 9.05
C TRP B 220 19.16 25.46 9.42
N ASP B 221 19.50 26.68 9.02
CA ASP B 221 18.62 27.82 9.15
C ASP B 221 17.96 28.09 7.80
N VAL B 222 16.62 28.13 7.79
CA VAL B 222 15.89 28.22 6.52
C VAL B 222 16.12 29.58 5.88
N ARG B 223 16.03 30.65 6.67
CA ARG B 223 16.14 32.00 6.12
C ARG B 223 17.49 32.21 5.44
N GLU B 224 18.57 32.13 6.21
CA GLU B 224 19.91 32.24 5.69
C GLU B 224 20.52 30.84 5.63
N GLY B 225 20.96 30.43 4.44
CA GLY B 225 21.38 29.05 4.26
C GLY B 225 22.73 28.74 4.84
N MET B 226 22.73 28.02 5.96
CA MET B 226 23.95 27.62 6.65
C MET B 226 23.55 26.62 7.74
N CYS B 227 24.55 25.90 8.25
CA CYS B 227 24.36 25.00 9.38
C CYS B 227 24.91 25.68 10.63
N ARG B 228 24.00 26.09 11.52
CA ARG B 228 24.43 26.77 12.74
C ARG B 228 25.14 25.82 13.69
N GLN B 229 24.72 24.56 13.75
CA GLN B 229 25.29 23.59 14.68
C GLN B 229 25.44 22.25 13.97
N THR B 230 26.40 21.46 14.44
CA THR B 230 26.61 20.11 13.93
C THR B 230 26.73 19.16 15.11
N PHE B 231 26.27 17.93 14.91
CA PHE B 231 26.29 16.91 15.95
C PHE B 231 26.87 15.63 15.35
N THR B 232 28.13 15.35 15.69
CA THR B 232 28.84 14.20 15.16
C THR B 232 29.10 13.13 16.21
N GLY B 233 28.42 13.20 17.36
CA GLY B 233 28.64 12.21 18.41
C GLY B 233 28.15 10.82 18.07
N HIS B 234 27.34 10.68 17.04
CA HIS B 234 26.80 9.38 16.68
C HIS B 234 27.86 8.54 15.97
N GLU B 235 27.57 7.26 15.78
CA GLU B 235 28.59 6.29 15.39
C GLU B 235 28.59 5.96 13.90
N SER B 236 27.49 5.47 13.35
CA SER B 236 27.51 4.85 12.04
C SER B 236 26.72 5.63 10.98
N ASP B 237 25.43 5.87 11.20
CA ASP B 237 24.59 6.46 10.16
C ASP B 237 23.42 7.17 10.82
N ILE B 238 22.74 7.99 10.02
CA ILE B 238 21.50 8.64 10.42
C ILE B 238 20.43 8.23 9.45
N ASN B 239 19.29 7.76 9.96
CA ASN B 239 18.19 7.35 9.10
C ASN B 239 16.88 8.07 9.38
N ALA B 240 16.78 8.84 10.46
CA ALA B 240 15.57 9.59 10.74
C ALA B 240 15.86 10.64 11.80
N ILE B 241 15.12 11.75 11.72
CA ILE B 241 15.23 12.84 12.68
C ILE B 241 13.82 13.30 13.04
N CYS B 242 13.67 13.84 14.25
CA CYS B 242 12.41 14.45 14.66
C CYS B 242 12.66 15.31 15.89
N PHE B 243 12.32 16.60 15.82
CA PHE B 243 12.37 17.44 17.01
C PHE B 243 11.46 16.96 18.13
N PHE B 244 11.94 17.19 19.35
CA PHE B 244 11.06 17.29 20.50
C PHE B 244 10.02 18.36 20.23
N PRO B 245 8.77 18.16 20.60
CA PRO B 245 7.81 19.26 20.54
C PRO B 245 8.31 20.43 21.37
N ASN B 246 8.10 21.64 20.86
CA ASN B 246 8.73 22.92 21.18
C ASN B 246 10.06 23.12 20.45
N GLY B 247 10.52 22.13 19.68
CA GLY B 247 11.68 22.31 18.83
C GLY B 247 12.97 22.66 19.56
N ASN B 248 13.40 21.78 20.46
CA ASN B 248 14.65 21.98 21.19
C ASN B 248 15.55 20.76 21.26
N ALA B 249 15.08 19.57 20.87
CA ALA B 249 15.86 18.35 21.01
C ALA B 249 15.37 17.34 19.97
N PHE B 250 16.17 17.10 18.94
CA PHE B 250 15.78 16.19 17.87
C PHE B 250 16.32 14.79 18.18
N ALA B 251 15.41 13.83 18.32
CA ALA B 251 15.83 12.44 18.40
C ALA B 251 16.28 11.96 17.03
N THR B 252 17.41 11.27 16.98
CA THR B 252 18.00 10.86 15.72
C THR B 252 17.78 9.37 15.48
N GLY B 253 17.77 8.99 14.21
CA GLY B 253 17.76 7.59 13.85
C GLY B 253 19.14 6.98 14.00
N SER B 254 19.27 5.74 13.53
CA SER B 254 20.54 5.06 13.65
C SER B 254 20.52 3.82 12.76
N ASP B 255 21.69 3.47 12.22
CA ASP B 255 21.87 2.19 11.58
C ASP B 255 22.54 1.19 12.51
N ASP B 256 22.84 1.61 13.75
CA ASP B 256 23.44 0.75 14.76
C ASP B 256 22.57 0.58 15.99
N ALA B 257 21.24 0.67 15.83
CA ALA B 257 20.27 0.43 16.90
C ALA B 257 20.49 1.34 18.10
N THR B 258 20.86 2.60 17.87
CA THR B 258 21.16 3.53 18.97
C THR B 258 20.43 4.85 18.71
N CYS B 259 19.17 4.94 19.14
CA CYS B 259 18.47 6.22 19.10
C CYS B 259 19.10 7.18 20.09
N ARG B 260 19.28 8.43 19.67
CA ARG B 260 19.82 9.47 20.54
C ARG B 260 19.04 10.75 20.30
N LEU B 261 18.97 11.59 21.33
CA LEU B 261 18.39 12.92 21.19
C LEU B 261 19.42 13.94 21.64
N PHE B 262 19.73 14.89 20.76
CA PHE B 262 20.70 15.94 21.04
C PHE B 262 19.97 17.17 21.57
N ASP B 263 20.67 18.30 21.66
CA ASP B 263 20.06 19.53 22.12
C ASP B 263 20.49 20.67 21.21
N LEU B 264 19.54 21.55 20.88
CA LEU B 264 19.86 22.71 20.06
C LEU B 264 20.60 23.77 20.87
N ARG B 265 20.40 23.81 22.18
CA ARG B 265 21.04 24.81 23.01
C ARG B 265 22.33 24.30 23.65
N ALA B 266 22.32 23.09 24.20
CA ALA B 266 23.55 22.53 24.76
C ALA B 266 24.53 22.10 23.68
N ASP B 267 24.07 21.93 22.44
CA ASP B 267 24.92 21.56 21.31
C ASP B 267 25.68 20.26 21.58
N GLN B 268 24.97 19.28 22.15
CA GLN B 268 25.59 18.00 22.44
C GLN B 268 24.51 16.96 22.66
N GLU B 269 24.91 15.69 22.56
CA GLU B 269 24.01 14.59 22.85
C GLU B 269 23.65 14.56 24.32
N LEU B 270 22.38 14.24 24.59
CA LEU B 270 21.88 14.17 25.96
C LEU B 270 22.08 12.77 26.55
N MET B 271 21.49 11.76 25.93
CA MET B 271 21.70 10.39 26.38
C MET B 271 21.26 9.43 25.28
N THR B 272 22.05 8.39 25.05
CA THR B 272 21.79 7.43 23.99
C THR B 272 20.79 6.38 24.46
N TYR B 273 19.94 5.94 23.54
CA TYR B 273 18.95 4.90 23.81
C TYR B 273 19.37 3.63 23.08
N SER B 274 19.79 2.63 23.83
CA SER B 274 20.30 1.41 23.22
C SER B 274 19.91 0.22 24.09
N HIS B 275 19.87 -0.95 23.45
CA HIS B 275 19.57 -2.19 24.14
C HIS B 275 20.38 -3.30 23.50
N ASP B 276 21.20 -3.99 24.30
CA ASP B 276 22.05 -5.05 23.75
C ASP B 276 21.24 -6.20 23.15
N ASN B 277 19.96 -6.30 23.52
CA ASN B 277 19.13 -7.36 22.95
C ASN B 277 18.99 -7.19 21.44
N ILE B 278 18.80 -5.97 20.98
CA ILE B 278 18.51 -5.68 19.58
C ILE B 278 19.72 -5.01 18.95
N ILE B 279 20.19 -5.57 17.84
CA ILE B 279 21.28 -4.99 17.04
C ILE B 279 20.73 -4.85 15.63
N CYS B 280 20.18 -3.70 15.32
CA CYS B 280 19.52 -3.44 14.04
C CYS B 280 19.74 -1.98 13.67
N GLY B 281 18.96 -1.48 12.73
CA GLY B 281 19.07 -0.10 12.34
C GLY B 281 17.75 0.63 12.29
N ILE B 282 17.59 1.67 13.11
CA ILE B 282 16.38 2.48 13.06
C ILE B 282 16.19 3.04 11.66
N THR B 283 14.94 3.10 11.21
CA THR B 283 14.64 3.70 9.88
C THR B 283 13.62 4.83 10.04
N SER B 284 13.15 5.09 11.28
CA SER B 284 12.14 6.11 11.50
C SER B 284 12.02 6.40 12.99
N VAL B 285 11.95 7.69 13.32
CA VAL B 285 11.79 8.13 14.70
C VAL B 285 10.78 9.27 14.75
N SER B 286 9.86 9.23 15.71
CA SER B 286 8.96 10.35 15.93
C SER B 286 8.62 10.41 17.42
N PHE B 287 8.60 11.63 17.96
CA PHE B 287 8.27 11.87 19.35
C PHE B 287 6.75 11.79 19.55
N SER B 288 6.35 11.70 20.81
CA SER B 288 4.95 11.84 21.16
C SER B 288 4.58 13.32 21.29
N LYS B 289 3.29 13.58 21.46
CA LYS B 289 2.82 14.97 21.52
C LYS B 289 3.42 15.70 22.71
N SER B 290 3.36 15.09 23.90
CA SER B 290 3.97 15.69 25.07
C SER B 290 5.49 15.55 25.07
N GLY B 291 5.99 14.48 24.47
CA GLY B 291 7.42 14.25 24.42
C GLY B 291 7.94 13.18 25.35
N ARG B 292 7.06 12.46 26.04
CA ARG B 292 7.52 11.38 26.91
C ARG B 292 7.99 10.18 26.10
N LEU B 293 7.34 9.92 24.98
CA LEU B 293 7.62 8.74 24.18
C LEU B 293 8.47 9.10 22.96
N LEU B 294 9.30 8.16 22.53
CA LEU B 294 10.23 8.34 21.42
C LEU B 294 10.15 7.14 20.49
N LEU B 295 8.93 6.82 20.04
CA LEU B 295 8.72 5.64 19.22
C LEU B 295 9.68 5.61 18.04
N ALA B 296 10.32 4.46 17.84
CA ALA B 296 11.28 4.28 16.75
C ALA B 296 11.04 2.94 16.09
N GLY B 297 10.98 2.94 14.76
CA GLY B 297 10.77 1.70 14.02
C GLY B 297 12.07 1.09 13.58
N TYR B 298 12.38 -0.11 14.08
CA TYR B 298 13.72 -0.65 13.91
C TYR B 298 13.81 -1.52 12.66
N ASP B 299 15.04 -1.86 12.30
CA ASP B 299 15.30 -2.90 11.31
C ASP B 299 15.23 -4.24 12.03
N ASP B 300 14.15 -4.43 12.80
CA ASP B 300 13.96 -5.62 13.61
C ASP B 300 12.55 -6.16 13.41
N PHE B 301 11.89 -5.79 12.31
CA PHE B 301 10.56 -6.23 11.96
C PHE B 301 9.50 -5.66 12.90
N ASN B 302 9.83 -4.64 13.68
CA ASN B 302 8.91 -4.09 14.65
C ASN B 302 9.31 -2.67 15.00
N CYS B 303 8.60 -2.09 15.96
CA CYS B 303 8.87 -0.76 16.50
C CYS B 303 9.21 -0.89 17.98
N ASN B 304 9.46 0.26 18.61
CA ASN B 304 9.78 0.29 20.03
C ASN B 304 9.36 1.63 20.59
N VAL B 305 9.08 1.65 21.89
CA VAL B 305 8.66 2.84 22.61
C VAL B 305 9.70 3.11 23.69
N TRP B 306 10.34 4.27 23.62
CA TRP B 306 11.38 4.64 24.57
C TRP B 306 10.90 5.81 25.42
N ASP B 307 11.10 5.70 26.72
CA ASP B 307 10.85 6.83 27.61
C ASP B 307 11.92 7.88 27.36
N ALA B 308 11.50 9.07 26.92
CA ALA B 308 12.45 10.09 26.52
C ALA B 308 13.22 10.69 27.67
N LEU B 309 12.85 10.41 28.92
CA LEU B 309 13.52 10.98 30.07
C LEU B 309 14.23 9.97 30.96
N LYS B 310 13.73 8.74 31.06
CA LYS B 310 14.39 7.72 31.86
C LYS B 310 15.34 6.85 31.06
N ALA B 311 15.40 7.04 29.73
CA ALA B 311 16.25 6.26 28.83
C ALA B 311 15.90 4.78 28.84
N ASP B 312 14.85 4.41 29.57
CA ASP B 312 14.44 3.02 29.67
C ASP B 312 13.62 2.63 28.46
N ARG B 313 13.16 1.38 28.45
CA ARG B 313 12.30 0.87 27.40
C ARG B 313 10.86 0.85 27.89
N ALA B 314 9.94 0.66 26.95
CA ALA B 314 8.52 0.54 27.25
C ALA B 314 7.95 -0.53 26.33
N GLY B 315 6.64 -0.56 26.19
CA GLY B 315 5.97 -1.57 25.39
C GLY B 315 6.49 -1.68 23.97
N VAL B 316 6.73 -2.90 23.51
CA VAL B 316 7.16 -3.16 22.15
C VAL B 316 5.94 -3.34 21.27
N LEU B 317 5.95 -2.71 20.11
CA LEU B 317 4.82 -2.69 19.19
C LEU B 317 5.19 -3.51 17.96
N ALA B 318 4.96 -4.81 18.03
CA ALA B 318 5.36 -5.74 16.99
C ALA B 318 4.12 -6.33 16.33
N GLY B 319 3.83 -5.89 15.11
CA GLY B 319 2.75 -6.46 14.34
C GLY B 319 3.09 -6.53 12.86
N HIS B 320 4.34 -6.25 12.52
CA HIS B 320 4.78 -6.11 11.14
C HIS B 320 5.57 -7.34 10.70
N ASP B 321 5.62 -7.53 9.38
CA ASP B 321 6.28 -8.68 8.76
C ASP B 321 7.63 -8.33 8.15
N ASN B 322 7.86 -7.07 7.81
CA ASN B 322 9.15 -6.62 7.27
C ASN B 322 9.63 -5.39 8.03
N ARG B 323 10.69 -4.77 7.50
CA ARG B 323 11.29 -3.60 8.14
C ARG B 323 10.27 -2.47 8.24
N VAL B 324 10.20 -1.85 9.42
CA VAL B 324 9.35 -0.69 9.62
C VAL B 324 10.08 0.52 9.03
N SER B 325 9.54 1.08 7.95
CA SER B 325 10.21 2.16 7.24
C SER B 325 9.76 3.56 7.65
N CYS B 326 8.56 3.71 8.21
CA CYS B 326 8.10 5.05 8.53
C CYS B 326 7.14 5.00 9.71
N LEU B 327 7.05 6.11 10.42
CA LEU B 327 6.01 6.29 11.43
C LEU B 327 5.93 7.76 11.79
N GLY B 328 4.73 8.18 12.20
CA GLY B 328 4.52 9.55 12.62
C GLY B 328 3.41 9.70 13.63
N VAL B 329 3.69 10.33 14.76
CA VAL B 329 2.66 10.65 15.74
C VAL B 329 1.84 11.82 15.24
N THR B 330 0.52 11.70 15.36
CA THR B 330 -0.40 12.71 14.84
C THR B 330 -0.13 14.07 15.48
N ASP B 331 -0.68 15.12 14.87
CA ASP B 331 -0.49 16.47 15.39
C ASP B 331 -1.11 16.61 16.77
N ASP B 332 -2.31 16.03 16.98
CA ASP B 332 -2.94 16.03 18.29
C ASP B 332 -2.43 14.90 19.17
N GLY B 333 -1.52 14.07 18.66
CA GLY B 333 -0.93 13.01 19.44
C GLY B 333 -1.88 11.92 19.87
N MET B 334 -2.87 11.60 19.03
CA MET B 334 -3.82 10.55 19.35
C MET B 334 -3.32 9.16 18.94
N ALA B 335 -2.85 9.02 17.70
CA ALA B 335 -2.41 7.74 17.18
C ALA B 335 -1.00 7.85 16.63
N VAL B 336 -0.36 6.69 16.47
CA VAL B 336 0.96 6.62 15.87
C VAL B 336 0.98 5.53 14.79
N ALA B 337 0.76 5.92 13.54
CA ALA B 337 0.73 4.96 12.46
C ALA B 337 2.14 4.59 12.04
N THR B 338 2.36 3.31 11.76
CA THR B 338 3.64 2.81 11.30
C THR B 338 3.46 2.06 9.99
N GLY B 339 4.38 2.30 9.06
CA GLY B 339 4.38 1.64 7.78
C GLY B 339 5.66 0.89 7.51
N SER B 340 5.52 -0.36 7.10
CA SER B 340 6.63 -1.27 6.92
C SER B 340 6.61 -1.82 5.50
N TRP B 341 7.64 -2.59 5.15
CA TRP B 341 7.77 -3.11 3.80
C TRP B 341 6.73 -4.17 3.46
N ASP B 342 5.96 -4.63 4.45
CA ASP B 342 4.87 -5.56 4.17
C ASP B 342 3.67 -4.88 3.53
N SER B 343 3.81 -3.61 3.14
CA SER B 343 2.76 -2.83 2.48
C SER B 343 1.55 -2.59 3.37
N PHE B 344 1.72 -2.64 4.69
CA PHE B 344 0.62 -2.45 5.62
C PHE B 344 0.92 -1.27 6.53
N LEU B 345 0.07 -0.26 6.50
CA LEU B 345 0.09 0.83 7.47
C LEU B 345 -0.81 0.46 8.64
N LYS B 346 -0.25 0.42 9.84
CA LYS B 346 -0.99 0.05 11.04
C LYS B 346 -1.14 1.27 11.93
N ILE B 347 -2.37 1.59 12.29
CA ILE B 347 -2.66 2.69 13.20
C ILE B 347 -2.59 2.15 14.63
N TRP B 348 -1.82 2.82 15.48
CA TRP B 348 -1.56 2.35 16.83
C TRP B 348 -1.97 3.42 17.83
N ASN B 349 -2.78 3.03 18.81
CA ASN B 349 -3.37 3.95 19.77
C ASN B 349 -3.36 3.36 21.17
N ILE C 9 41.28 23.56 -2.24
CA ILE C 9 41.84 24.87 -1.92
C ILE C 9 40.84 25.65 -1.08
N ALA C 10 39.74 26.07 -1.70
CA ALA C 10 38.71 26.83 -0.99
C ALA C 10 37.84 25.94 -0.11
N GLN C 11 37.86 24.63 -0.32
CA GLN C 11 37.07 23.73 0.51
C GLN C 11 37.51 23.78 1.97
N ALA C 12 38.83 23.79 2.20
CA ALA C 12 39.33 23.89 3.57
C ALA C 12 38.95 25.23 4.19
N ARG C 13 39.01 26.31 3.40
CA ARG C 13 38.60 27.62 3.90
C ARG C 13 37.12 27.62 4.30
N LYS C 14 36.27 27.02 3.47
CA LYS C 14 34.85 26.92 3.80
C LYS C 14 34.64 26.09 5.06
N LEU C 15 35.38 24.98 5.20
CA LEU C 15 35.21 24.13 6.37
C LEU C 15 35.65 24.85 7.65
N VAL C 16 36.77 25.56 7.61
CA VAL C 16 37.23 26.26 8.80
C VAL C 16 36.31 27.43 9.13
N GLU C 17 35.78 28.11 8.11
CA GLU C 17 34.80 29.17 8.36
C GLU C 17 33.55 28.61 9.02
N GLN C 18 33.07 27.45 8.55
CA GLN C 18 31.91 26.82 9.15
C GLN C 18 32.19 26.42 10.59
N LEU C 19 33.39 25.89 10.86
CA LEU C 19 33.75 25.52 12.23
C LEU C 19 33.79 26.76 13.13
N LYS C 20 34.33 27.87 12.63
CA LYS C 20 34.33 29.11 13.40
C LYS C 20 32.91 29.56 13.69
N MET C 21 32.01 29.46 12.70
CA MET C 21 30.63 29.85 12.92
C MET C 21 29.95 28.98 13.97
N GLU C 22 30.17 27.66 13.90
CA GLU C 22 29.58 26.76 14.88
C GLU C 22 30.18 26.91 16.26
N ALA C 23 31.41 27.43 16.36
CA ALA C 23 32.05 27.56 17.67
C ALA C 23 31.35 28.60 18.54
N ASN C 24 30.78 29.64 17.92
CA ASN C 24 30.16 30.74 18.67
C ASN C 24 28.71 30.38 18.96
N ILE C 25 28.48 29.72 20.09
CA ILE C 25 27.16 29.34 20.55
C ILE C 25 27.06 29.69 22.04
N ASP C 26 25.87 30.15 22.46
CA ASP C 26 25.68 30.53 23.86
C ASP C 26 25.98 29.36 24.79
N ARG C 27 25.63 28.14 24.38
CA ARG C 27 26.02 26.91 25.08
C ARG C 27 25.53 26.91 26.53
N ILE C 28 24.20 26.87 26.67
CA ILE C 28 23.62 26.84 28.02
C ILE C 28 24.00 25.54 28.72
N LYS C 29 23.81 25.53 30.04
CA LYS C 29 24.15 24.37 30.85
C LYS C 29 23.25 23.19 30.51
N VAL C 30 23.83 22.00 30.54
CA VAL C 30 23.06 20.79 30.24
C VAL C 30 21.98 20.56 31.30
N SER C 31 22.24 20.96 32.54
CA SER C 31 21.24 20.80 33.59
C SER C 31 20.00 21.63 33.30
N LYS C 32 20.19 22.86 32.80
CA LYS C 32 19.04 23.68 32.42
C LYS C 32 18.26 23.05 31.27
N ALA C 33 18.97 22.45 30.31
CA ALA C 33 18.29 21.77 29.23
C ALA C 33 17.46 20.60 29.73
N ALA C 34 18.02 19.80 30.63
CA ALA C 34 17.27 18.69 31.21
C ALA C 34 16.06 19.19 31.99
N ALA C 35 16.23 20.28 32.74
CA ALA C 35 15.12 20.85 33.47
C ALA C 35 14.01 21.32 32.52
N ASP C 36 14.40 21.97 31.43
CA ASP C 36 13.41 22.43 30.45
C ASP C 36 12.67 21.25 29.82
N LEU C 37 13.39 20.18 29.49
CA LEU C 37 12.75 19.01 28.91
C LEU C 37 11.79 18.37 29.89
N MET C 38 12.19 18.24 31.16
CA MET C 38 11.28 17.68 32.15
C MET C 38 10.05 18.57 32.34
N ALA C 39 10.25 19.88 32.36
CA ALA C 39 9.13 20.80 32.55
C ALA C 39 8.14 20.69 31.40
N TYR C 40 8.65 20.66 30.16
CA TYR C 40 7.74 20.51 29.02
C TYR C 40 7.04 19.16 29.05
N CYS C 41 7.76 18.09 29.41
CA CYS C 41 7.15 16.77 29.42
C CYS C 41 6.05 16.67 30.47
N GLU C 42 6.28 17.21 31.66
CA GLU C 42 5.28 17.11 32.73
C GLU C 42 4.13 18.09 32.52
N ALA C 43 4.39 19.27 31.95
CA ALA C 43 3.33 20.25 31.75
C ALA C 43 2.30 19.75 30.75
N HIS C 44 2.75 19.12 29.67
CA HIS C 44 1.86 18.62 28.62
C HIS C 44 1.54 17.14 28.78
N ALA C 45 1.98 16.52 29.88
CA ALA C 45 1.72 15.10 30.08
C ALA C 45 0.22 14.80 30.17
N LYS C 46 -0.55 15.73 30.72
CA LYS C 46 -2.00 15.50 30.84
C LYS C 46 -2.66 15.44 29.48
N GLU C 47 -2.15 16.21 28.52
CA GLU C 47 -2.76 16.28 27.19
C GLU C 47 -2.29 15.17 26.26
N ASP C 48 -1.41 14.28 26.72
CA ASP C 48 -0.88 13.24 25.85
C ASP C 48 -1.73 11.98 25.93
N PRO C 49 -2.34 11.53 24.82
CA PRO C 49 -3.04 10.24 24.84
C PRO C 49 -2.13 9.04 24.64
N LEU C 50 -0.98 9.20 23.97
CA LEU C 50 0.01 8.13 23.92
C LEU C 50 0.50 7.78 25.32
N LEU C 51 0.84 8.80 26.10
CA LEU C 51 1.36 8.57 27.45
C LEU C 51 0.29 8.02 28.38
N THR C 52 -0.87 8.66 28.41
CA THR C 52 -1.98 8.24 29.28
C THR C 52 -3.13 7.76 28.41
N PRO C 53 -3.44 6.46 28.41
CA PRO C 53 -4.54 5.98 27.56
C PRO C 53 -5.86 6.62 27.95
N VAL C 54 -6.70 6.85 26.93
CA VAL C 54 -7.99 7.50 27.13
C VAL C 54 -9.09 6.47 26.91
N PRO C 55 -10.28 6.65 27.50
CA PRO C 55 -11.36 5.65 27.33
C PRO C 55 -11.91 5.65 25.92
N ALA C 56 -12.94 4.83 25.68
CA ALA C 56 -13.54 4.76 24.35
C ALA C 56 -14.07 6.11 23.90
N SER C 57 -14.60 6.91 24.83
CA SER C 57 -14.95 8.28 24.52
C SER C 57 -13.71 9.12 24.34
N GLU C 58 -13.79 10.10 23.42
CA GLU C 58 -12.68 10.97 23.06
C GLU C 58 -11.51 10.20 22.47
N ASN C 59 -11.74 8.97 22.00
CA ASN C 59 -10.74 8.18 21.31
C ASN C 59 -11.30 7.81 19.95
N PRO C 60 -10.94 8.53 18.88
CA PRO C 60 -11.58 8.29 17.57
C PRO C 60 -11.34 6.90 17.02
N PHE C 61 -10.32 6.19 17.49
CA PHE C 61 -10.05 4.83 17.05
C PHE C 61 -10.66 3.85 18.05
N ARG C 62 -11.40 2.87 17.55
CA ARG C 62 -12.08 1.91 18.40
C ARG C 62 -12.07 0.52 17.76
N ASP D 39 -11.26 26.22 -18.99
CA ASP D 39 -12.49 26.56 -18.28
C ASP D 39 -13.30 25.32 -17.97
N VAL D 40 -14.13 25.40 -16.93
CA VAL D 40 -15.00 24.30 -16.52
C VAL D 40 -16.45 24.74 -16.69
N GLN D 41 -17.25 23.89 -17.33
CA GLN D 41 -18.65 24.22 -17.57
C GLN D 41 -19.39 22.95 -17.96
N LEU D 42 -20.70 22.96 -17.70
CA LEU D 42 -21.60 21.89 -18.12
C LEU D 42 -22.73 22.52 -18.91
N VAL D 43 -22.94 22.07 -20.15
CA VAL D 43 -23.96 22.64 -21.00
C VAL D 43 -25.03 21.60 -21.28
N GLU D 44 -26.27 22.07 -21.40
CA GLU D 44 -27.44 21.24 -21.58
C GLU D 44 -27.87 21.26 -23.05
N SER D 45 -28.74 20.32 -23.42
CA SER D 45 -29.10 20.15 -24.82
C SER D 45 -30.59 20.32 -25.09
N GLY D 46 -31.46 19.63 -24.35
CA GLY D 46 -32.85 19.52 -24.73
C GLY D 46 -33.78 20.63 -24.27
N GLY D 47 -33.61 21.82 -24.83
CA GLY D 47 -34.47 22.94 -24.50
C GLY D 47 -35.68 23.08 -25.40
N GLY D 48 -36.65 22.19 -25.28
CA GLY D 48 -37.80 22.21 -26.16
C GLY D 48 -39.07 21.85 -25.42
N LEU D 49 -40.19 22.30 -25.99
CA LEU D 49 -41.50 21.99 -25.44
C LEU D 49 -41.83 20.51 -25.63
N VAL D 50 -42.50 19.93 -24.64
CA VAL D 50 -42.86 18.52 -24.65
C VAL D 50 -44.36 18.41 -24.43
N GLN D 51 -45.03 17.63 -25.27
CA GLN D 51 -46.45 17.38 -25.09
C GLN D 51 -46.68 16.58 -23.81
N PRO D 52 -47.79 16.80 -23.12
CA PRO D 52 -48.05 16.02 -21.89
C PRO D 52 -48.18 14.53 -22.21
N GLY D 53 -47.74 13.71 -21.26
CA GLY D 53 -47.77 12.27 -21.46
C GLY D 53 -46.84 11.80 -22.56
N GLY D 54 -45.62 12.33 -22.61
CA GLY D 54 -44.66 11.99 -23.63
C GLY D 54 -43.35 11.53 -23.02
N SER D 55 -42.27 11.76 -23.75
CA SER D 55 -40.94 11.36 -23.32
C SER D 55 -39.91 12.27 -23.97
N ARG D 56 -38.73 12.32 -23.35
CA ARG D 56 -37.63 13.11 -23.90
C ARG D 56 -36.32 12.57 -23.31
N LYS D 57 -35.21 13.12 -23.80
CA LYS D 57 -33.88 12.77 -23.32
C LYS D 57 -33.08 14.05 -23.13
N LEU D 58 -32.60 14.29 -21.92
CA LEU D 58 -31.71 15.42 -21.64
C LEU D 58 -30.28 14.95 -21.56
N SER D 59 -29.42 15.51 -22.41
CA SER D 59 -28.01 15.19 -22.42
C SER D 59 -27.24 16.45 -22.04
N CYS D 60 -26.34 16.32 -21.06
CA CYS D 60 -25.48 17.42 -20.66
C CYS D 60 -24.03 17.00 -20.85
N SER D 61 -23.24 17.91 -21.41
CA SER D 61 -21.84 17.64 -21.70
C SER D 61 -20.95 18.54 -20.85
N ALA D 62 -19.93 17.94 -20.26
CA ALA D 62 -18.98 18.62 -19.40
C ALA D 62 -17.56 18.38 -19.91
N SER D 63 -16.74 19.42 -19.87
CA SER D 63 -15.40 19.34 -20.44
C SER D 63 -14.31 19.74 -19.46
N GLY D 64 -14.60 20.65 -18.52
CA GLY D 64 -13.54 21.20 -17.70
C GLY D 64 -12.90 20.18 -16.78
N PHE D 65 -13.70 19.34 -16.13
CA PHE D 65 -13.23 18.48 -15.07
C PHE D 65 -13.12 17.03 -15.53
N ALA D 66 -12.73 16.16 -14.60
CA ALA D 66 -12.67 14.72 -14.82
C ALA D 66 -14.06 14.15 -14.53
N PHE D 67 -14.84 13.98 -15.60
CA PHE D 67 -16.22 13.55 -15.44
C PHE D 67 -16.33 12.18 -14.77
N SER D 68 -15.42 11.26 -15.10
CA SER D 68 -15.54 9.90 -14.58
C SER D 68 -15.35 9.82 -13.08
N SER D 69 -14.75 10.83 -12.45
CA SER D 69 -14.48 10.80 -11.02
C SER D 69 -15.47 11.63 -10.21
N PHE D 70 -16.55 12.10 -10.82
CA PHE D 70 -17.55 12.91 -10.14
C PHE D 70 -18.89 12.21 -10.11
N GLY D 71 -19.56 12.26 -8.97
CA GLY D 71 -20.97 11.98 -8.94
C GLY D 71 -21.75 13.13 -9.55
N MET D 72 -22.88 12.79 -10.17
CA MET D 72 -23.68 13.77 -10.86
C MET D 72 -25.12 13.76 -10.36
N HIS D 73 -25.73 14.93 -10.34
CA HIS D 73 -27.09 15.07 -9.85
C HIS D 73 -27.98 15.68 -10.92
N TRP D 74 -29.23 15.96 -10.56
CA TRP D 74 -30.15 16.74 -11.38
C TRP D 74 -31.05 17.49 -10.43
N VAL D 75 -31.26 18.77 -10.68
CA VAL D 75 -32.05 19.62 -9.78
C VAL D 75 -33.09 20.37 -10.58
N ARG D 76 -34.35 20.21 -10.21
CA ARG D 76 -35.46 20.83 -10.93
C ARG D 76 -35.74 22.23 -10.39
N GLN D 77 -36.68 22.90 -11.05
CA GLN D 77 -37.21 24.19 -10.63
C GLN D 77 -38.66 24.28 -11.07
N ALA D 78 -39.19 25.49 -11.14
CA ALA D 78 -40.55 25.73 -11.61
C ALA D 78 -40.65 27.20 -11.99
N PRO D 79 -41.78 27.61 -12.57
CA PRO D 79 -42.04 29.05 -12.66
C PRO D 79 -42.06 29.72 -11.30
N GLU D 80 -42.50 29.01 -10.27
CA GLU D 80 -42.36 29.47 -8.90
C GLU D 80 -40.91 29.24 -8.43
N LYS D 81 -40.61 29.80 -7.25
CA LYS D 81 -39.25 29.72 -6.71
C LYS D 81 -38.89 28.34 -6.17
N GLY D 82 -39.73 27.33 -6.37
CA GLY D 82 -39.44 26.03 -5.81
C GLY D 82 -38.19 25.40 -6.39
N LEU D 83 -37.46 24.68 -5.55
CA LEU D 83 -36.29 23.91 -5.94
C LEU D 83 -36.46 22.50 -5.40
N GLU D 84 -36.24 21.50 -6.24
CA GLU D 84 -36.49 20.12 -5.84
C GLU D 84 -35.49 19.18 -6.50
N TRP D 85 -35.13 18.14 -5.75
CA TRP D 85 -34.17 17.14 -6.20
C TRP D 85 -34.78 16.22 -7.26
N VAL D 86 -33.91 15.65 -8.11
CA VAL D 86 -34.39 14.81 -9.20
C VAL D 86 -33.77 13.41 -9.15
N ALA D 87 -32.44 13.33 -9.28
CA ALA D 87 -31.79 12.04 -9.44
C ALA D 87 -30.33 12.17 -9.01
N TYR D 88 -29.60 11.06 -9.11
CA TYR D 88 -28.19 11.01 -8.74
C TYR D 88 -27.55 9.78 -9.34
N ILE D 89 -26.28 9.92 -9.72
CA ILE D 89 -25.47 8.82 -10.22
C ILE D 89 -24.08 8.96 -9.62
N SER D 90 -23.48 7.85 -9.21
CA SER D 90 -22.24 7.90 -8.46
C SER D 90 -21.04 8.01 -9.39
N SER D 91 -19.83 7.90 -8.82
CA SER D 91 -18.61 7.97 -9.62
C SER D 91 -18.50 6.78 -10.57
N GLY D 92 -18.77 5.58 -10.06
CA GLY D 92 -18.70 4.37 -10.86
C GLY D 92 -20.01 3.97 -11.52
N SER D 93 -21.03 4.82 -11.46
CA SER D 93 -22.34 4.55 -12.04
C SER D 93 -23.01 3.33 -11.43
N GLY D 94 -22.52 2.87 -10.27
CA GLY D 94 -23.09 1.73 -9.58
C GLY D 94 -23.97 2.06 -8.40
N THR D 95 -24.23 3.34 -8.14
CA THR D 95 -25.02 3.78 -7.00
C THR D 95 -26.00 4.84 -7.48
N ILE D 96 -27.25 4.44 -7.70
CA ILE D 96 -28.27 5.29 -8.30
C ILE D 96 -29.37 5.52 -7.29
N TYR D 97 -29.83 6.77 -7.19
CA TYR D 97 -30.95 7.15 -6.34
C TYR D 97 -31.88 8.07 -7.12
N TYR D 98 -33.08 8.26 -6.59
CA TYR D 98 -34.09 9.09 -7.24
C TYR D 98 -34.94 9.76 -6.17
N ALA D 99 -35.65 10.80 -6.59
CA ALA D 99 -36.66 11.41 -5.74
C ALA D 99 -37.87 10.50 -5.69
N ASP D 100 -38.37 10.24 -4.48
CA ASP D 100 -39.47 9.30 -4.31
C ASP D 100 -40.77 9.78 -4.95
N THR D 101 -40.85 11.06 -5.33
CA THR D 101 -42.04 11.57 -6.00
C THR D 101 -42.11 11.13 -7.46
N VAL D 102 -41.01 10.67 -8.05
CA VAL D 102 -40.96 10.36 -9.46
C VAL D 102 -40.22 9.06 -9.76
N LYS D 103 -39.87 8.28 -8.74
CA LYS D 103 -39.12 7.05 -8.97
C LYS D 103 -39.84 6.15 -9.96
N GLY D 104 -39.11 5.67 -10.96
CA GLY D 104 -39.69 4.86 -12.01
C GLY D 104 -40.10 5.61 -13.26
N ARG D 105 -40.02 6.94 -13.27
CA ARG D 105 -40.33 7.70 -14.47
C ARG D 105 -39.11 8.31 -15.15
N PHE D 106 -38.12 8.80 -14.40
CA PHE D 106 -36.86 9.23 -14.98
C PHE D 106 -35.83 8.14 -14.76
N THR D 107 -35.04 7.84 -15.79
CA THR D 107 -33.91 6.94 -15.65
C THR D 107 -32.63 7.68 -16.01
N ILE D 108 -31.63 7.57 -15.15
CA ILE D 108 -30.40 8.34 -15.29
C ILE D 108 -29.28 7.43 -15.77
N SER D 109 -28.34 8.00 -16.52
CA SER D 109 -27.17 7.27 -17.00
C SER D 109 -26.09 8.28 -17.33
N ARG D 110 -24.91 7.77 -17.66
CA ARG D 110 -23.83 8.64 -18.11
C ARG D 110 -22.79 7.80 -18.83
N ASP D 111 -22.05 8.45 -19.72
CA ASP D 111 -20.93 7.82 -20.41
C ASP D 111 -19.69 8.68 -20.28
N ASP D 112 -18.57 8.03 -19.96
CA ASP D 112 -17.26 8.64 -19.74
C ASP D 112 -16.52 8.94 -21.05
N PRO D 113 -16.58 8.08 -22.08
CA PRO D 113 -15.85 8.41 -23.31
C PRO D 113 -16.26 9.74 -23.91
N LYS D 114 -17.53 10.13 -23.81
CA LYS D 114 -17.98 11.42 -24.32
C LYS D 114 -18.24 12.42 -23.21
N ASN D 115 -18.03 12.05 -21.94
CA ASN D 115 -18.24 12.93 -20.80
C ASN D 115 -19.66 13.52 -20.80
N THR D 116 -20.64 12.65 -21.03
CA THR D 116 -22.01 13.11 -21.21
C THR D 116 -22.95 12.38 -20.26
N LEU D 117 -23.76 13.14 -19.54
CA LEU D 117 -24.73 12.64 -18.57
C LEU D 117 -26.13 12.75 -19.13
N PHE D 118 -26.89 11.65 -19.08
CA PHE D 118 -28.20 11.57 -19.69
C PHE D 118 -29.27 11.34 -18.63
N LEU D 119 -30.41 12.00 -18.83
CA LEU D 119 -31.63 11.76 -18.05
C LEU D 119 -32.75 11.48 -19.06
N GLN D 120 -33.20 10.24 -19.10
CA GLN D 120 -34.29 9.84 -19.97
C GLN D 120 -35.60 10.03 -19.23
N MET D 121 -36.41 10.97 -19.70
CA MET D 121 -37.69 11.33 -19.10
C MET D 121 -38.79 10.51 -19.77
N THR D 122 -39.54 9.77 -18.96
CA THR D 122 -40.65 8.96 -19.45
C THR D 122 -41.93 9.34 -18.72
N SER D 123 -43.03 9.33 -19.46
CA SER D 123 -44.36 9.62 -18.92
C SER D 123 -44.40 10.98 -18.24
N LEU D 124 -44.19 12.02 -19.04
CA LEU D 124 -44.13 13.38 -18.52
C LEU D 124 -45.52 13.88 -18.15
N ARG D 125 -45.65 14.43 -16.95
CA ARG D 125 -46.89 15.03 -16.50
C ARG D 125 -46.80 16.54 -16.61
N SER D 126 -47.82 17.24 -16.09
CA SER D 126 -47.80 18.70 -16.11
C SER D 126 -46.88 19.27 -15.05
N GLU D 127 -46.72 18.58 -13.91
CA GLU D 127 -45.88 19.07 -12.83
C GLU D 127 -44.40 18.90 -13.10
N ASP D 128 -44.02 18.19 -14.17
CA ASP D 128 -42.61 17.99 -14.49
C ASP D 128 -41.97 19.21 -15.11
N THR D 129 -42.74 20.25 -15.43
CA THR D 129 -42.16 21.45 -16.02
C THR D 129 -41.16 22.08 -15.08
N ALA D 130 -39.99 22.43 -15.62
CA ALA D 130 -38.86 22.92 -14.84
C ALA D 130 -37.78 23.35 -15.82
N MET D 131 -36.67 23.84 -15.26
CA MET D 131 -35.45 24.04 -16.03
C MET D 131 -34.37 23.27 -15.25
N TYR D 132 -33.88 22.20 -15.86
CA TYR D 132 -33.10 21.19 -15.14
C TYR D 132 -31.65 21.60 -15.05
N TYR D 133 -31.13 21.68 -13.83
CA TYR D 133 -29.72 21.94 -13.58
C TYR D 133 -28.98 20.61 -13.42
N CYS D 134 -27.75 20.58 -13.93
CA CYS D 134 -26.85 19.46 -13.71
C CYS D 134 -25.78 19.89 -12.72
N VAL D 135 -25.50 19.04 -11.74
CA VAL D 135 -24.64 19.38 -10.62
C VAL D 135 -23.56 18.32 -10.47
N ARG D 136 -22.32 18.74 -10.26
CA ARG D 136 -21.24 17.83 -9.96
C ARG D 136 -21.02 17.78 -8.45
N SER D 137 -20.60 16.61 -7.96
CA SER D 137 -20.37 16.43 -6.53
C SER D 137 -19.45 15.24 -6.35
N ILE D 138 -18.29 15.47 -5.74
CA ILE D 138 -17.34 14.41 -5.42
C ILE D 138 -17.34 14.21 -3.92
N TYR D 139 -17.43 12.95 -3.49
CA TYR D 139 -17.62 12.62 -2.08
C TYR D 139 -16.35 11.97 -1.53
N TYR D 140 -15.56 12.76 -0.79
CA TYR D 140 -14.46 12.24 0.00
C TYR D 140 -14.30 13.15 1.20
N TYR D 141 -13.51 12.70 2.17
CA TYR D 141 -13.35 13.48 3.40
C TYR D 141 -12.77 14.85 3.08
N GLY D 142 -13.51 15.89 3.42
CA GLY D 142 -13.11 17.25 3.13
C GLY D 142 -13.55 17.77 1.78
N SER D 143 -14.18 16.95 0.96
CA SER D 143 -14.67 17.40 -0.33
C SER D 143 -15.93 18.23 -0.15
N SER D 144 -16.23 19.03 -1.16
CA SER D 144 -17.43 19.86 -1.18
C SER D 144 -18.35 19.39 -2.29
N PRO D 145 -19.42 18.66 -1.98
CA PRO D 145 -20.38 18.29 -3.03
C PRO D 145 -21.08 19.54 -3.56
N PHE D 146 -21.63 19.41 -4.77
CA PHE D 146 -22.44 20.46 -5.39
C PHE D 146 -21.62 21.73 -5.66
N ASP D 147 -20.36 21.53 -6.09
CA ASP D 147 -19.51 22.69 -6.37
C ASP D 147 -20.04 23.53 -7.52
N PHE D 148 -20.30 22.91 -8.67
CA PHE D 148 -20.56 23.65 -9.89
C PHE D 148 -21.92 23.27 -10.46
N TRP D 149 -22.72 24.27 -10.77
CA TRP D 149 -24.03 24.09 -11.39
C TRP D 149 -23.98 24.71 -12.78
N GLY D 150 -24.13 23.88 -13.81
CA GLY D 150 -24.22 24.37 -15.15
C GLY D 150 -25.56 25.01 -15.42
N GLN D 151 -25.69 25.58 -16.61
CA GLN D 151 -26.97 26.13 -17.02
C GLN D 151 -27.96 24.99 -17.25
N GLY D 152 -29.18 25.35 -17.61
CA GLY D 152 -30.24 24.35 -17.76
C GLY D 152 -31.17 24.69 -18.90
N THR D 153 -31.78 23.65 -19.45
CA THR D 153 -32.83 23.82 -20.44
C THR D 153 -34.19 23.92 -19.77
N THR D 154 -34.94 24.96 -20.11
CA THR D 154 -36.28 25.12 -19.59
C THR D 154 -37.23 24.19 -20.33
N LEU D 155 -38.03 23.44 -19.58
CA LEU D 155 -39.05 22.56 -20.15
C LEU D 155 -40.43 23.11 -19.87
N THR D 156 -41.31 22.99 -20.86
CA THR D 156 -42.69 23.41 -20.75
C THR D 156 -43.59 22.30 -21.29
N VAL D 157 -44.79 22.22 -20.73
CA VAL D 157 -45.76 21.22 -21.15
C VAL D 157 -47.06 21.88 -21.57
N SER D 174 -38.92 8.26 6.91
CA SER D 174 -39.67 9.16 6.05
C SER D 174 -38.74 10.06 5.25
N ASP D 175 -39.24 11.22 4.82
CA ASP D 175 -38.48 12.19 4.06
C ASP D 175 -38.28 13.43 4.91
N ILE D 176 -37.02 13.85 5.06
CA ILE D 176 -36.71 15.06 5.81
C ILE D 176 -37.31 16.25 5.08
N VAL D 177 -37.95 17.15 5.82
CA VAL D 177 -38.56 18.35 5.26
C VAL D 177 -37.94 19.56 5.93
N MET D 178 -37.55 20.54 5.12
CA MET D 178 -36.92 21.76 5.59
C MET D 178 -37.83 22.94 5.31
N THR D 179 -37.80 23.93 6.19
CA THR D 179 -38.62 25.12 6.08
C THR D 179 -37.77 26.37 6.25
N GLN D 180 -38.19 27.44 5.56
CA GLN D 180 -37.54 28.75 5.67
C GLN D 180 -38.66 29.79 5.73
N ALA D 181 -39.04 30.18 6.95
CA ALA D 181 -40.21 31.04 7.12
C ALA D 181 -39.99 32.41 6.49
N THR D 182 -38.79 32.98 6.66
CA THR D 182 -38.50 34.32 6.17
C THR D 182 -38.29 34.28 4.65
N SER D 183 -39.41 34.10 3.93
CA SER D 183 -39.34 33.96 2.48
C SER D 183 -38.96 35.26 1.78
N SER D 184 -39.12 36.40 2.44
CA SER D 184 -38.75 37.69 1.86
C SER D 184 -38.07 38.53 2.93
N VAL D 185 -36.84 38.97 2.64
CA VAL D 185 -36.08 39.79 3.58
C VAL D 185 -35.63 41.07 2.87
N PRO D 186 -36.45 42.11 2.83
CA PRO D 186 -36.02 43.36 2.19
C PRO D 186 -34.98 44.08 3.01
N VAL D 187 -33.73 44.08 2.54
CA VAL D 187 -32.60 44.63 3.29
C VAL D 187 -31.72 45.44 2.35
N THR D 188 -31.27 46.60 2.84
CA THR D 188 -30.37 47.48 2.09
C THR D 188 -28.94 46.96 2.16
N PRO D 189 -28.11 47.28 1.16
CA PRO D 189 -26.72 46.82 1.18
C PRO D 189 -25.94 47.42 2.34
N GLY D 190 -24.94 46.66 2.80
CA GLY D 190 -24.09 47.09 3.89
C GLY D 190 -24.56 46.67 5.27
N GLU D 191 -25.71 46.01 5.38
CA GLU D 191 -26.26 45.59 6.66
C GLU D 191 -26.24 44.07 6.76
N SER D 192 -25.97 43.56 7.95
CA SER D 192 -25.93 42.12 8.17
C SER D 192 -27.31 41.52 7.95
N VAL D 193 -27.34 40.32 7.36
CA VAL D 193 -28.57 39.63 7.02
C VAL D 193 -28.53 38.24 7.62
N SER D 194 -29.68 37.79 8.14
CA SER D 194 -29.80 36.47 8.74
C SER D 194 -30.89 35.69 8.03
N ILE D 195 -30.56 34.49 7.57
CA ILE D 195 -31.51 33.58 6.94
C ILE D 195 -31.54 32.30 7.75
N SER D 196 -32.74 31.85 8.12
CA SER D 196 -32.92 30.71 9.01
C SER D 196 -33.61 29.57 8.28
N CYS D 197 -33.06 28.37 8.42
CA CYS D 197 -33.66 27.16 7.89
C CYS D 197 -33.81 26.14 9.01
N ARG D 198 -34.95 25.45 9.03
CA ARG D 198 -35.27 24.52 10.11
C ARG D 198 -35.44 23.12 9.54
N SER D 199 -34.90 22.14 10.26
CA SER D 199 -34.98 20.73 9.87
C SER D 199 -35.98 20.01 10.76
N SER D 200 -36.65 19.02 10.17
CA SER D 200 -37.60 18.20 10.91
C SER D 200 -36.92 17.06 11.66
N LYS D 201 -35.75 16.63 11.20
CA LYS D 201 -34.99 15.58 11.84
C LYS D 201 -33.63 16.12 12.24
N SER D 202 -33.12 15.63 13.38
CA SER D 202 -31.80 16.04 13.85
C SER D 202 -30.76 15.77 12.76
N LEU D 203 -30.20 16.83 12.20
CA LEU D 203 -29.36 16.71 11.02
C LEU D 203 -27.88 16.53 11.38
N LEU D 204 -27.55 16.49 12.67
CA LEU D 204 -26.20 16.23 13.14
C LEU D 204 -26.00 14.72 13.24
N HIS D 205 -25.25 14.16 12.31
CA HIS D 205 -24.98 12.73 12.36
C HIS D 205 -24.00 12.41 13.48
N SER D 206 -23.93 11.14 13.84
CA SER D 206 -23.06 10.69 14.92
C SER D 206 -21.59 10.80 14.58
N ASN D 207 -21.25 11.06 13.32
CA ASN D 207 -19.85 11.15 12.91
C ASN D 207 -19.24 12.53 13.14
N GLY D 208 -20.02 13.49 13.62
CA GLY D 208 -19.53 14.83 13.88
C GLY D 208 -19.80 15.83 12.79
N ASN D 209 -20.27 15.40 11.62
CA ASN D 209 -20.63 16.31 10.55
C ASN D 209 -22.13 16.58 10.58
N THR D 210 -22.51 17.70 9.95
CA THR D 210 -23.91 18.09 9.83
C THR D 210 -24.17 18.39 8.36
N TYR D 211 -24.82 17.45 7.67
CA TYR D 211 -24.90 17.49 6.21
C TYR D 211 -25.95 18.50 5.77
N LEU D 212 -25.60 19.77 5.96
CA LEU D 212 -26.41 20.91 5.53
C LEU D 212 -25.68 21.69 4.45
N TYR D 213 -26.42 22.12 3.44
CA TYR D 213 -25.86 22.91 2.36
C TYR D 213 -26.70 24.16 2.15
N TRP D 214 -26.03 25.30 1.99
CA TRP D 214 -26.67 26.57 1.71
C TRP D 214 -26.25 27.01 0.32
N PHE D 215 -27.23 27.25 -0.56
CA PHE D 215 -26.99 27.63 -1.94
C PHE D 215 -27.53 29.04 -2.17
N LEU D 216 -26.83 29.80 -2.99
CA LEU D 216 -27.27 31.11 -3.43
C LEU D 216 -27.56 31.06 -4.92
N GLN D 217 -28.56 31.82 -5.36
CA GLN D 217 -28.86 31.95 -6.78
C GLN D 217 -28.98 33.42 -7.13
N ARG D 218 -28.04 33.92 -7.94
CA ARG D 218 -28.21 35.24 -8.52
C ARG D 218 -29.49 35.28 -9.35
N PRO D 219 -30.12 36.44 -9.47
CA PRO D 219 -31.33 36.54 -10.30
C PRO D 219 -31.02 36.21 -11.75
N GLY D 220 -31.69 35.18 -12.26
CA GLY D 220 -31.50 34.74 -13.62
C GLY D 220 -30.14 34.13 -13.91
N GLN D 221 -29.62 33.36 -12.96
CA GLN D 221 -28.37 32.64 -13.14
C GLN D 221 -28.47 31.29 -12.44
N SER D 222 -27.58 30.39 -12.82
CA SER D 222 -27.52 29.09 -12.17
C SER D 222 -27.00 29.25 -10.74
N PRO D 223 -27.59 28.59 -9.76
CA PRO D 223 -27.14 28.76 -8.38
C PRO D 223 -25.74 28.21 -8.17
N GLN D 224 -25.04 28.82 -7.22
CA GLN D 224 -23.71 28.38 -6.83
C GLN D 224 -23.74 28.03 -5.34
N LEU D 225 -23.00 26.99 -4.97
CA LEU D 225 -23.00 26.57 -3.57
C LEU D 225 -22.30 27.63 -2.73
N LEU D 226 -22.96 28.01 -1.64
CA LEU D 226 -22.46 29.04 -0.74
C LEU D 226 -21.72 28.48 0.45
N ILE D 227 -22.35 27.57 1.19
CA ILE D 227 -21.74 26.97 2.38
C ILE D 227 -22.08 25.49 2.41
N TYR D 228 -21.13 24.65 2.81
CA TYR D 228 -21.39 23.23 2.98
C TYR D 228 -21.08 22.81 4.41
N ARG D 229 -22.04 22.10 5.04
CA ARG D 229 -21.96 21.63 6.42
C ARG D 229 -21.92 22.80 7.42
N MET D 230 -22.45 23.95 6.99
CA MET D 230 -22.59 25.20 7.75
C MET D 230 -21.32 25.60 8.49
N SER D 231 -20.17 25.11 8.06
CA SER D 231 -18.93 25.54 8.67
C SER D 231 -17.82 25.83 7.67
N ASN D 232 -17.95 25.41 6.42
CA ASN D 232 -16.93 25.58 5.41
C ASN D 232 -17.51 26.31 4.20
N LEU D 233 -16.73 27.23 3.66
CA LEU D 233 -17.15 28.02 2.50
C LEU D 233 -16.64 27.37 1.22
N ALA D 234 -17.47 27.39 0.19
CA ALA D 234 -17.08 26.83 -1.09
C ALA D 234 -15.98 27.67 -1.74
N SER D 235 -15.35 27.10 -2.75
CA SER D 235 -14.27 27.79 -3.44
C SER D 235 -14.81 29.00 -4.19
N GLY D 236 -14.18 30.16 -3.96
CA GLY D 236 -14.58 31.39 -4.59
C GLY D 236 -15.67 32.16 -3.88
N VAL D 237 -16.27 31.59 -2.85
CA VAL D 237 -17.31 32.30 -2.09
C VAL D 237 -16.65 33.36 -1.23
N PRO D 238 -17.17 34.60 -1.21
CA PRO D 238 -16.55 35.65 -0.41
C PRO D 238 -16.54 35.31 1.07
N ASP D 239 -15.50 35.78 1.76
CA ASP D 239 -15.33 35.50 3.18
C ASP D 239 -16.48 36.05 4.01
N ARG D 240 -17.15 37.10 3.53
CA ARG D 240 -18.20 37.74 4.30
C ARG D 240 -19.33 36.77 4.64
N PHE D 241 -19.59 35.80 3.78
CA PHE D 241 -20.59 34.79 4.09
C PHE D 241 -20.15 33.95 5.28
N SER D 242 -21.11 33.58 6.12
CA SER D 242 -20.82 32.76 7.29
C SER D 242 -22.12 32.12 7.77
N GLY D 243 -22.08 30.81 7.99
CA GLY D 243 -23.24 30.09 8.48
C GLY D 243 -22.87 29.27 9.71
N SER D 244 -23.89 28.91 10.47
CA SER D 244 -23.74 28.13 11.68
C SER D 244 -25.11 27.62 12.09
N GLY D 245 -25.19 27.02 13.26
CA GLY D 245 -26.45 26.58 13.80
C GLY D 245 -26.29 25.29 14.59
N SER D 246 -27.39 24.86 15.17
CA SER D 246 -27.46 23.61 15.92
C SER D 246 -27.87 22.48 14.98
N GLY D 247 -28.24 21.33 15.55
CA GLY D 247 -28.71 20.23 14.75
C GLY D 247 -30.11 20.37 14.21
N THR D 248 -30.81 21.44 14.56
CA THR D 248 -32.18 21.67 14.10
C THR D 248 -32.35 22.99 13.36
N ALA D 249 -31.75 24.07 13.85
CA ALA D 249 -31.90 25.39 13.26
C ALA D 249 -30.57 25.86 12.68
N PHE D 250 -30.62 26.51 11.52
CA PHE D 250 -29.45 26.94 10.79
C PHE D 250 -29.59 28.40 10.43
N THR D 251 -28.51 29.16 10.56
CA THR D 251 -28.56 30.61 10.38
C THR D 251 -27.29 31.10 9.70
N LEU D 252 -27.46 31.98 8.73
CA LEU D 252 -26.35 32.67 8.08
C LEU D 252 -26.16 34.06 8.67
N THR D 253 -24.92 34.54 8.60
CA THR D 253 -24.55 35.89 9.04
C THR D 253 -23.78 36.54 7.90
N ILE D 254 -24.50 37.15 6.97
CA ILE D 254 -23.90 37.77 5.78
C ILE D 254 -23.50 39.19 6.19
N SER D 255 -22.29 39.31 6.74
CA SER D 255 -21.77 40.63 7.08
C SER D 255 -21.39 41.38 5.81
N ARG D 256 -21.56 42.70 5.84
CA ARG D 256 -21.19 43.59 4.74
C ARG D 256 -21.88 43.17 3.44
N LEU D 257 -23.21 43.13 3.49
CA LEU D 257 -23.99 42.77 2.32
C LEU D 257 -23.78 43.77 1.20
N GLU D 258 -23.59 43.27 -0.01
CA GLU D 258 -23.37 44.09 -1.19
C GLU D 258 -24.52 43.92 -2.18
N ALA D 259 -24.42 44.61 -3.31
CA ALA D 259 -25.44 44.54 -4.34
C ALA D 259 -25.32 43.29 -5.20
N GLU D 260 -24.27 42.49 -5.01
CA GLU D 260 -24.13 41.23 -5.72
C GLU D 260 -24.76 40.06 -4.98
N ASP D 261 -24.89 40.17 -3.67
CA ASP D 261 -25.43 39.09 -2.84
C ASP D 261 -26.94 39.21 -2.68
N VAL D 262 -27.65 39.30 -3.81
CA VAL D 262 -29.07 39.60 -3.80
C VAL D 262 -29.93 38.39 -4.16
N GLY D 263 -29.37 37.39 -4.82
CA GLY D 263 -30.16 36.25 -5.24
C GLY D 263 -30.82 35.50 -4.09
N VAL D 264 -31.71 34.59 -4.46
CA VAL D 264 -32.50 33.84 -3.49
C VAL D 264 -31.68 32.70 -2.91
N TYR D 265 -31.91 32.40 -1.63
CA TYR D 265 -31.12 31.42 -0.90
C TYR D 265 -31.95 30.16 -0.65
N TYR D 266 -31.30 29.00 -0.78
CA TYR D 266 -31.92 27.71 -0.52
C TYR D 266 -31.11 26.94 0.50
N CYS D 267 -31.80 26.10 1.27
CA CYS D 267 -31.16 25.22 2.24
C CYS D 267 -31.47 23.77 1.88
N MET D 268 -30.53 22.88 2.16
CA MET D 268 -30.60 21.50 1.74
C MET D 268 -30.07 20.59 2.85
N GLN D 269 -30.78 19.52 3.11
CA GLN D 269 -30.33 18.46 4.00
C GLN D 269 -29.69 17.36 3.14
N HIS D 270 -28.73 16.64 3.71
CA HIS D 270 -28.03 15.62 2.95
C HIS D 270 -27.76 14.35 3.76
N LEU D 271 -28.46 14.17 4.89
CA LEU D 271 -28.31 12.94 5.64
C LEU D 271 -28.75 11.73 4.83
N GLU D 272 -29.87 11.86 4.12
CA GLU D 272 -30.41 10.77 3.33
C GLU D 272 -30.67 11.25 1.90
N TYR D 273 -30.36 10.38 0.95
CA TYR D 273 -30.50 10.65 -0.47
C TYR D 273 -31.91 11.00 -0.93
N PRO D 274 -32.97 10.70 -0.17
CA PRO D 274 -34.23 11.41 -0.44
C PRO D 274 -34.08 12.89 -0.13
N LEU D 275 -33.23 13.54 -0.92
CA LEU D 275 -32.82 14.91 -0.67
C LEU D 275 -33.99 15.87 -0.85
N THR D 276 -34.10 16.84 0.06
CA THR D 276 -35.18 17.81 0.02
C THR D 276 -34.59 19.21 0.14
N PHE D 277 -34.97 20.08 -0.78
CA PHE D 277 -34.58 21.48 -0.70
C PHE D 277 -35.57 22.26 0.16
N GLY D 278 -35.15 23.45 0.60
CA GLY D 278 -36.01 24.34 1.35
C GLY D 278 -36.54 25.46 0.49
N ALA D 279 -37.63 26.09 0.90
CA ALA D 279 -38.18 27.20 0.15
C ALA D 279 -37.19 28.36 0.12
N GLY D 280 -37.17 29.08 -1.00
CA GLY D 280 -36.22 30.16 -1.15
C GLY D 280 -36.57 31.37 -0.29
N THR D 281 -35.55 32.13 0.06
CA THR D 281 -35.69 33.37 0.82
C THR D 281 -35.14 34.50 -0.04
N LYS D 282 -35.98 35.04 -0.92
CA LYS D 282 -35.55 36.07 -1.84
C LYS D 282 -35.19 37.34 -1.10
N LEU D 283 -34.08 37.97 -1.52
CA LEU D 283 -33.65 39.25 -0.96
C LEU D 283 -33.91 40.35 -1.99
N GLU D 284 -34.57 41.41 -1.56
CA GLU D 284 -34.92 42.53 -2.41
C GLU D 284 -34.13 43.77 -2.00
N LEU D 285 -34.43 44.89 -2.63
CA LEU D 285 -33.77 46.16 -2.34
C LEU D 285 -34.78 47.18 -1.81
N LYS D 286 -35.78 46.71 -1.08
CA LYS D 286 -36.79 47.58 -0.51
C LYS D 286 -36.44 48.00 0.92
N GLN E 46 -15.73 -47.06 25.91
CA GLN E 46 -15.64 -48.40 25.33
C GLN E 46 -14.95 -48.36 23.97
N VAL E 47 -15.15 -49.43 23.19
CA VAL E 47 -14.50 -49.53 21.88
C VAL E 47 -14.98 -48.41 20.96
N THR E 48 -16.29 -48.19 20.91
CA THR E 48 -16.84 -47.19 19.99
C THR E 48 -16.42 -45.78 20.40
N LEU E 49 -16.62 -45.43 21.67
CA LEU E 49 -16.38 -44.06 22.11
C LEU E 49 -14.96 -43.62 21.81
N THR E 50 -13.97 -44.47 22.13
CA THR E 50 -12.58 -44.14 21.83
C THR E 50 -12.41 -43.78 20.36
N LEU E 51 -12.99 -44.57 19.46
CA LEU E 51 -12.91 -44.26 18.04
C LEU E 51 -13.37 -42.84 17.77
N VAL E 52 -14.53 -42.46 18.34
CA VAL E 52 -15.04 -41.10 18.14
C VAL E 52 -14.00 -40.09 18.57
N CYS E 53 -13.38 -40.31 19.74
CA CYS E 53 -12.33 -39.41 20.21
C CYS E 53 -11.26 -39.23 19.14
N LEU E 54 -10.77 -40.35 18.59
CA LEU E 54 -9.78 -40.25 17.52
C LEU E 54 -10.28 -39.36 16.39
N ALA E 55 -11.51 -39.64 15.90
CA ALA E 55 -12.07 -38.82 14.84
C ALA E 55 -12.13 -37.36 15.25
N GLY E 56 -12.52 -37.09 16.50
CA GLY E 56 -12.53 -35.72 16.96
C GLY E 56 -11.18 -35.05 16.82
N LEU E 57 -10.12 -35.74 17.23
CA LEU E 57 -8.78 -35.19 17.00
C LEU E 57 -8.59 -34.86 15.53
N LEU E 58 -8.89 -35.82 14.65
CA LEU E 58 -8.82 -35.56 13.22
C LEU E 58 -9.59 -34.29 12.88
N MET E 59 -10.84 -34.20 13.35
CA MET E 59 -11.61 -32.98 13.18
C MET E 59 -10.78 -31.75 13.48
N LEU E 60 -10.31 -31.65 14.73
CA LEU E 60 -9.57 -30.47 15.13
C LEU E 60 -8.42 -30.20 14.18
N LEU E 61 -7.67 -31.26 13.83
CA LEU E 61 -6.52 -31.09 12.95
C LEU E 61 -6.93 -30.35 11.67
N THR E 62 -7.95 -30.85 10.99
CA THR E 62 -8.42 -30.16 9.79
C THR E 62 -8.82 -28.74 10.16
N VAL E 63 -9.72 -28.61 11.14
CA VAL E 63 -10.24 -27.30 11.52
C VAL E 63 -9.11 -26.41 11.98
N PHE E 64 -8.01 -27.01 12.44
CA PHE E 64 -6.82 -26.21 12.69
C PHE E 64 -6.10 -25.90 11.40
N GLY E 65 -5.57 -26.95 10.75
CA GLY E 65 -4.52 -26.73 9.77
C GLY E 65 -4.97 -25.88 8.61
N ASN E 66 -6.11 -26.23 8.01
CA ASN E 66 -6.60 -25.48 6.86
C ASN E 66 -6.91 -24.05 7.22
N VAL E 67 -7.48 -23.81 8.42
CA VAL E 67 -7.71 -22.44 8.83
C VAL E 67 -6.39 -21.70 8.92
N LEU E 68 -5.35 -22.38 9.42
CA LEU E 68 -4.00 -21.82 9.37
C LEU E 68 -3.66 -21.42 7.93
N VAL E 69 -3.89 -22.34 6.99
CA VAL E 69 -3.66 -22.02 5.59
C VAL E 69 -4.43 -20.77 5.18
N ILE E 70 -5.71 -20.72 5.56
CA ILE E 70 -6.53 -19.57 5.18
C ILE E 70 -6.01 -18.30 5.84
N ILE E 71 -5.50 -18.39 7.07
CA ILE E 71 -4.94 -17.21 7.72
C ILE E 71 -3.47 -17.03 7.41
N ALA E 72 -2.90 -17.85 6.52
CA ALA E 72 -1.54 -17.64 6.05
C ALA E 72 -1.52 -17.06 4.64
N VAL E 73 -2.46 -17.49 3.79
CA VAL E 73 -2.51 -17.00 2.42
C VAL E 73 -2.98 -15.55 2.37
N PHE E 74 -3.98 -15.20 3.18
CA PHE E 74 -4.55 -13.86 3.10
C PHE E 74 -3.74 -12.85 3.89
N THR E 75 -3.27 -13.23 5.08
CA THR E 75 -2.54 -12.28 5.92
C THR E 75 -1.20 -11.89 5.30
N SER E 76 -0.49 -12.85 4.72
CA SER E 76 0.81 -12.56 4.13
C SER E 76 0.66 -11.79 2.82
N ARG E 77 1.68 -10.99 2.50
CA ARG E 77 1.69 -10.20 1.28
C ARG E 77 2.45 -10.90 0.16
N ALA E 78 3.71 -11.25 0.41
CA ALA E 78 4.52 -11.91 -0.62
C ALA E 78 3.94 -13.26 -1.00
N LEU E 79 3.22 -13.91 -0.07
CA LEU E 79 2.60 -15.19 -0.39
C LEU E 79 1.38 -15.03 -1.29
N LYS E 80 0.73 -13.88 -1.28
CA LYS E 80 -0.49 -13.69 -2.05
C LYS E 80 -0.17 -13.61 -3.54
N ALA E 81 0.03 -14.75 -4.15
CA ALA E 81 0.13 -14.89 -5.60
C ALA E 81 -1.17 -15.45 -6.14
N PRO E 82 -1.47 -15.23 -7.43
CA PRO E 82 -2.71 -15.79 -7.99
C PRO E 82 -2.76 -17.31 -7.94
N GLN E 83 -1.61 -17.99 -7.91
CA GLN E 83 -1.59 -19.44 -7.89
C GLN E 83 -2.04 -20.02 -6.57
N ASN E 84 -1.95 -19.25 -5.48
CA ASN E 84 -2.26 -19.78 -4.16
C ASN E 84 -3.76 -19.96 -3.92
N LEU E 85 -4.60 -19.22 -4.64
CA LEU E 85 -6.04 -19.28 -4.41
C LEU E 85 -6.55 -20.71 -4.50
N PHE E 86 -6.04 -21.49 -5.46
CA PHE E 86 -6.33 -22.91 -5.54
C PHE E 86 -6.31 -23.55 -4.16
N LEU E 87 -5.14 -23.49 -3.53
CA LEU E 87 -4.98 -24.09 -2.21
C LEU E 87 -6.07 -23.62 -1.27
N VAL E 88 -6.32 -22.30 -1.24
CA VAL E 88 -7.37 -21.75 -0.39
C VAL E 88 -8.65 -22.54 -0.57
N SER E 89 -9.15 -22.58 -1.81
CA SER E 89 -10.37 -23.30 -2.09
C SER E 89 -10.28 -24.73 -1.59
N LEU E 90 -9.19 -25.41 -1.94
CA LEU E 90 -9.00 -26.78 -1.47
C LEU E 90 -9.13 -26.84 0.03
N ALA E 91 -8.37 -26.00 0.73
CA ALA E 91 -8.47 -25.95 2.19
C ALA E 91 -9.91 -25.75 2.61
N SER E 92 -10.55 -24.71 2.06
CA SER E 92 -11.95 -24.46 2.39
C SER E 92 -12.77 -25.72 2.20
N ALA E 93 -12.63 -26.34 1.03
CA ALA E 93 -13.40 -27.54 0.73
C ALA E 93 -13.25 -28.57 1.83
N ASP E 94 -12.00 -28.89 2.17
CA ASP E 94 -11.82 -29.98 3.12
C ASP E 94 -12.34 -29.57 4.50
N ILE E 95 -12.16 -28.30 4.88
CA ILE E 95 -12.80 -27.85 6.12
C ILE E 95 -14.25 -28.27 6.11
N LEU E 96 -14.96 -27.86 5.07
CA LEU E 96 -16.38 -28.16 4.97
C LEU E 96 -16.62 -29.65 5.17
N VAL E 97 -15.86 -30.50 4.45
CA VAL E 97 -16.20 -31.92 4.45
C VAL E 97 -16.17 -32.44 5.87
N ALA E 98 -15.13 -32.06 6.63
CA ALA E 98 -15.07 -32.49 8.02
C ALA E 98 -16.34 -32.06 8.73
N THR E 99 -16.54 -30.76 8.86
CA THR E 99 -17.64 -30.24 9.65
C THR E 99 -18.99 -30.69 9.12
N LEU E 100 -19.02 -31.37 7.98
CA LEU E 100 -20.29 -31.78 7.41
C LEU E 100 -20.47 -33.27 7.25
N VAL E 101 -19.39 -34.08 7.26
CA VAL E 101 -19.66 -35.50 7.09
C VAL E 101 -18.97 -36.35 8.15
N ILE E 102 -17.89 -35.85 8.72
CA ILE E 102 -17.15 -36.63 9.71
C ILE E 102 -18.01 -36.95 10.93
N PRO E 103 -18.78 -36.02 11.51
CA PRO E 103 -19.71 -36.43 12.58
C PRO E 103 -20.72 -37.44 12.10
N PHE E 104 -21.37 -37.17 10.96
CA PHE E 104 -22.41 -38.07 10.46
C PHE E 104 -21.83 -39.45 10.14
N SER E 105 -20.64 -39.49 9.55
CA SER E 105 -19.98 -40.77 9.32
C SER E 105 -19.71 -41.50 10.62
N LEU E 106 -19.45 -40.77 11.70
CA LEU E 106 -19.35 -41.39 13.02
C LEU E 106 -20.70 -41.97 13.45
N ALA E 107 -21.79 -41.30 13.12
CA ALA E 107 -23.11 -41.83 13.44
C ALA E 107 -23.37 -43.15 12.74
N ASN E 108 -22.80 -43.35 11.56
CA ASN E 108 -22.89 -44.63 10.88
C ASN E 108 -21.86 -45.59 11.46
N GLU E 109 -22.00 -46.87 11.09
CA GLU E 109 -21.15 -47.98 11.50
C GLU E 109 -21.30 -48.32 12.98
N VAL E 110 -22.07 -47.56 13.75
CA VAL E 110 -22.39 -47.88 15.13
C VAL E 110 -23.87 -48.18 15.31
N MET E 111 -24.74 -47.49 14.58
CA MET E 111 -26.16 -47.76 14.56
C MET E 111 -26.51 -48.50 13.27
N GLY E 112 -27.57 -49.31 13.36
CA GLY E 112 -27.95 -50.13 12.21
C GLY E 112 -28.24 -49.32 10.97
N TYR E 113 -28.85 -48.14 11.13
CA TYR E 113 -29.17 -47.28 10.01
C TYR E 113 -29.06 -45.83 10.47
N TRP E 114 -29.62 -44.92 9.68
CA TRP E 114 -29.55 -43.51 10.01
C TRP E 114 -30.44 -43.17 11.19
N TYR E 115 -30.17 -42.02 11.80
CA TYR E 115 -30.96 -41.54 12.93
C TYR E 115 -32.13 -40.67 12.50
N PHE E 116 -32.30 -40.42 11.20
CA PHE E 116 -33.46 -39.72 10.68
C PHE E 116 -33.77 -40.28 9.29
N GLY E 117 -34.63 -39.57 8.57
CA GLY E 117 -35.13 -40.06 7.30
C GLY E 117 -34.08 -40.06 6.21
N LYS E 118 -34.43 -40.75 5.11
CA LYS E 118 -33.51 -40.90 3.98
C LYS E 118 -33.34 -39.60 3.20
N ALA E 119 -34.23 -38.62 3.40
CA ALA E 119 -34.10 -37.36 2.70
C ALA E 119 -32.80 -36.65 3.07
N TRP E 120 -32.46 -36.64 4.36
CA TRP E 120 -31.18 -36.08 4.78
C TRP E 120 -30.02 -36.98 4.38
N CYS E 121 -30.24 -38.31 4.36
CA CYS E 121 -29.17 -39.23 4.01
C CYS E 121 -28.72 -39.05 2.57
N GLU E 122 -29.67 -38.85 1.65
CA GLU E 122 -29.31 -38.70 0.25
C GLU E 122 -28.43 -37.47 0.04
N ILE E 123 -28.82 -36.34 0.61
CA ILE E 123 -28.01 -35.13 0.46
C ILE E 123 -26.70 -35.26 1.21
N TYR E 124 -26.67 -36.03 2.31
CA TYR E 124 -25.41 -36.23 3.02
C TYR E 124 -24.42 -37.01 2.16
N LEU E 125 -24.86 -38.11 1.54
CA LEU E 125 -23.99 -38.84 0.63
C LEU E 125 -23.56 -37.98 -0.55
N ALA E 126 -24.50 -37.23 -1.14
CA ALA E 126 -24.16 -36.40 -2.29
C ALA E 126 -23.13 -35.35 -1.90
N LEU E 127 -23.29 -34.72 -0.74
CA LEU E 127 -22.35 -33.70 -0.29
C LEU E 127 -21.00 -34.30 0.06
N ASP E 128 -20.98 -35.49 0.65
CA ASP E 128 -19.71 -36.16 0.93
C ASP E 128 -18.95 -36.41 -0.36
N VAL E 129 -19.64 -36.94 -1.37
CA VAL E 129 -19.01 -37.18 -2.67
C VAL E 129 -18.53 -35.87 -3.27
N LEU E 130 -19.36 -34.82 -3.19
CA LEU E 130 -18.98 -33.52 -3.73
C LEU E 130 -17.70 -33.00 -3.11
N PHE E 131 -17.60 -33.06 -1.78
CA PHE E 131 -16.44 -32.48 -1.13
C PHE E 131 -15.19 -33.32 -1.34
N CYS E 132 -15.29 -34.64 -1.28
CA CYS E 132 -14.11 -35.47 -1.52
C CYS E 132 -13.61 -35.31 -2.96
N THR E 133 -14.54 -35.30 -3.92
CA THR E 133 -14.15 -35.07 -5.31
C THR E 133 -13.57 -33.68 -5.49
N SER E 134 -14.12 -32.68 -4.81
CA SER E 134 -13.55 -31.34 -4.90
C SER E 134 -12.12 -31.32 -4.40
N SER E 135 -11.84 -32.04 -3.30
CA SER E 135 -10.47 -32.11 -2.79
C SER E 135 -9.53 -32.78 -3.80
N ILE E 136 -9.94 -33.92 -4.34
CA ILE E 136 -9.06 -34.66 -5.24
C ILE E 136 -8.80 -33.87 -6.51
N VAL E 137 -9.86 -33.31 -7.12
CA VAL E 137 -9.66 -32.57 -8.35
C VAL E 137 -9.01 -31.22 -8.09
N HIS E 138 -9.07 -30.70 -6.86
CA HIS E 138 -8.25 -29.55 -6.51
C HIS E 138 -6.78 -29.91 -6.50
N LEU E 139 -6.45 -31.09 -5.98
CA LEU E 139 -5.07 -31.56 -6.08
C LEU E 139 -4.65 -31.69 -7.54
N CYS E 140 -5.53 -32.23 -8.38
CA CYS E 140 -5.21 -32.36 -9.80
C CYS E 140 -5.02 -30.99 -10.46
N ALA E 141 -5.87 -30.02 -10.12
CA ALA E 141 -5.74 -28.68 -10.69
C ALA E 141 -4.47 -27.99 -10.23
N ILE E 142 -4.09 -28.15 -8.97
CA ILE E 142 -2.83 -27.59 -8.50
C ILE E 142 -1.66 -28.23 -9.22
N SER E 143 -1.72 -29.55 -9.44
CA SER E 143 -0.65 -30.22 -10.16
C SER E 143 -0.54 -29.70 -11.59
N LEU E 144 -1.68 -29.53 -12.27
CA LEU E 144 -1.64 -29.00 -13.63
C LEU E 144 -1.14 -27.57 -13.67
N ASP E 145 -1.51 -26.76 -12.66
CA ASP E 145 -0.98 -25.41 -12.56
C ASP E 145 0.54 -25.43 -12.43
N ARG E 146 1.06 -26.32 -11.59
CA ARG E 146 2.51 -26.41 -11.43
C ARG E 146 3.18 -26.86 -12.73
N TYR E 147 2.56 -27.80 -13.45
CA TYR E 147 3.13 -28.24 -14.71
C TYR E 147 3.18 -27.10 -15.72
N TRP E 148 2.06 -26.42 -15.93
CA TRP E 148 2.05 -25.29 -16.84
C TRP E 148 2.92 -24.14 -16.34
N SER E 149 3.30 -24.14 -15.07
CA SER E 149 4.21 -23.14 -14.55
C SER E 149 5.67 -23.49 -14.75
N ILE E 150 6.00 -24.79 -14.85
CA ILE E 150 7.37 -25.18 -15.14
C ILE E 150 7.62 -25.27 -16.65
N THR E 151 6.77 -25.99 -17.37
CA THR E 151 6.82 -26.04 -18.82
C THR E 151 6.05 -24.84 -19.38
N GLN E 152 6.52 -24.31 -20.50
CA GLN E 152 6.00 -23.07 -21.11
C GLN E 152 5.71 -22.02 -20.04
N ALA E 153 6.78 -21.63 -19.35
CA ALA E 153 6.64 -20.77 -18.17
C ALA E 153 6.08 -19.41 -18.53
N ILE E 154 6.58 -18.78 -19.60
CA ILE E 154 6.22 -17.40 -19.88
C ILE E 154 4.76 -17.29 -20.33
N GLU E 155 4.30 -18.22 -21.16
CA GLU E 155 2.93 -18.14 -21.65
C GLU E 155 1.94 -18.24 -20.50
N TYR E 156 2.15 -19.19 -19.59
CA TYR E 156 1.26 -19.30 -18.45
C TYR E 156 1.42 -18.13 -17.49
N ASN E 157 2.65 -17.63 -17.34
CA ASN E 157 2.87 -16.48 -16.46
C ASN E 157 2.09 -15.27 -16.93
N LEU E 158 2.05 -15.04 -18.25
CA LEU E 158 1.14 -14.03 -18.80
C LEU E 158 -0.32 -14.43 -18.58
N LYS E 159 -0.63 -15.72 -18.73
CA LYS E 159 -2.01 -16.17 -18.55
C LYS E 159 -2.40 -16.36 -17.09
N ARG E 160 -1.45 -16.31 -16.16
CA ARG E 160 -1.74 -16.54 -14.74
C ARG E 160 -2.22 -15.22 -14.13
N THR E 161 -3.53 -15.07 -14.02
CA THR E 161 -4.15 -13.93 -13.37
C THR E 161 -5.19 -14.44 -12.38
N PRO E 162 -5.50 -13.66 -11.34
CA PRO E 162 -6.53 -14.12 -10.39
C PRO E 162 -7.86 -14.39 -11.04
N ARG E 163 -8.18 -13.70 -12.15
CA ARG E 163 -9.40 -14.00 -12.88
C ARG E 163 -9.39 -15.43 -13.41
N ARG E 164 -8.30 -15.84 -14.05
CA ARG E 164 -8.23 -17.19 -14.58
C ARG E 164 -8.20 -18.23 -13.46
N ILE E 165 -7.51 -17.94 -12.36
CA ILE E 165 -7.47 -18.87 -11.24
C ILE E 165 -8.86 -19.05 -10.64
N LYS E 166 -9.60 -17.95 -10.49
CA LYS E 166 -10.98 -18.05 -10.02
C LYS E 166 -11.84 -18.83 -10.99
N ALA E 167 -11.59 -18.65 -12.29
CA ALA E 167 -12.34 -19.43 -13.28
C ALA E 167 -12.06 -20.92 -13.13
N ILE E 168 -10.80 -21.29 -12.92
CA ILE E 168 -10.47 -22.71 -12.78
C ILE E 168 -11.05 -23.27 -11.48
N ILE E 169 -11.05 -22.47 -10.41
CA ILE E 169 -11.68 -22.91 -9.17
C ILE E 169 -13.18 -23.14 -9.38
N ILE E 170 -13.83 -22.22 -10.09
CA ILE E 170 -15.25 -22.38 -10.38
C ILE E 170 -15.48 -23.66 -11.19
N THR E 171 -14.64 -23.91 -12.20
CA THR E 171 -14.88 -25.07 -13.05
C THR E 171 -14.58 -26.38 -12.33
N VAL E 172 -13.61 -26.40 -11.42
CA VAL E 172 -13.37 -27.64 -10.67
C VAL E 172 -14.51 -27.89 -9.69
N TRP E 173 -15.04 -26.83 -9.07
CA TRP E 173 -16.22 -27.02 -8.22
C TRP E 173 -17.41 -27.51 -9.03
N VAL E 174 -17.60 -26.96 -10.24
CA VAL E 174 -18.71 -27.39 -11.08
C VAL E 174 -18.56 -28.84 -11.51
N ILE E 175 -17.36 -29.26 -11.90
CA ILE E 175 -17.18 -30.63 -12.34
C ILE E 175 -17.37 -31.60 -11.18
N SER E 176 -16.87 -31.24 -9.99
CA SER E 176 -17.10 -32.08 -8.82
C SER E 176 -18.59 -32.19 -8.52
N ALA E 177 -19.31 -31.08 -8.59
CA ALA E 177 -20.75 -31.11 -8.32
C ALA E 177 -21.49 -31.95 -9.35
N VAL E 178 -21.14 -31.80 -10.63
CA VAL E 178 -21.90 -32.48 -11.68
C VAL E 178 -21.58 -33.97 -11.73
N ILE E 179 -20.42 -34.40 -11.21
CA ILE E 179 -20.17 -35.83 -11.06
C ILE E 179 -20.48 -36.32 -9.66
N SER E 180 -20.98 -35.45 -8.78
CA SER E 180 -21.38 -35.84 -7.43
C SER E 180 -22.90 -35.97 -7.29
N PHE E 181 -23.64 -34.91 -7.58
CA PHE E 181 -25.08 -34.91 -7.33
C PHE E 181 -25.84 -35.97 -8.11
N PRO E 182 -25.69 -36.10 -9.43
CA PRO E 182 -26.46 -37.12 -10.16
C PRO E 182 -26.04 -38.52 -9.75
N PRO E 183 -27.00 -39.43 -9.55
CA PRO E 183 -26.74 -40.82 -9.16
C PRO E 183 -26.41 -41.70 -10.36
N ARG E 202 -31.00 -48.70 5.40
CA ARG E 202 -29.76 -48.19 5.98
C ARG E 202 -29.07 -47.22 5.03
N CYS E 203 -28.13 -46.45 5.55
CA CYS E 203 -27.38 -45.48 4.75
C CYS E 203 -26.08 -46.11 4.24
N GLU E 204 -26.24 -47.21 3.52
CA GLU E 204 -25.11 -47.87 2.89
C GLU E 204 -24.53 -47.00 1.79
N ILE E 205 -23.23 -47.16 1.54
CA ILE E 205 -22.57 -46.38 0.52
C ILE E 205 -23.20 -46.66 -0.84
N ASN E 206 -23.07 -45.70 -1.77
CA ASN E 206 -23.68 -45.82 -3.08
C ASN E 206 -23.07 -46.98 -3.85
N ASP E 207 -23.86 -48.03 -4.07
CA ASP E 207 -23.41 -49.24 -4.76
C ASP E 207 -24.31 -49.46 -5.98
N GLN E 208 -23.75 -49.29 -7.16
CA GLN E 208 -24.49 -49.48 -8.41
C GLN E 208 -23.59 -50.26 -9.37
N LYS E 209 -24.00 -50.32 -10.63
CA LYS E 209 -23.22 -51.00 -11.65
C LYS E 209 -22.61 -50.06 -12.68
N TRP E 210 -23.15 -48.86 -12.85
CA TRP E 210 -22.65 -47.90 -13.83
C TRP E 210 -22.14 -46.62 -13.21
N TYR E 211 -22.88 -46.05 -12.25
CA TYR E 211 -22.44 -44.80 -11.62
C TYR E 211 -21.15 -44.99 -10.85
N VAL E 212 -20.98 -46.14 -10.19
CA VAL E 212 -19.80 -46.35 -9.35
C VAL E 212 -18.54 -46.34 -10.20
N ILE E 213 -18.56 -47.00 -11.35
CA ILE E 213 -17.37 -47.06 -12.20
C ILE E 213 -17.04 -45.68 -12.75
N SER E 214 -18.06 -44.95 -13.23
CA SER E 214 -17.83 -43.62 -13.76
C SER E 214 -17.29 -42.68 -12.69
N SER E 215 -17.85 -42.76 -11.48
CA SER E 215 -17.38 -41.92 -10.38
C SER E 215 -15.93 -42.24 -10.03
N CYS E 216 -15.59 -43.53 -9.97
CA CYS E 216 -14.23 -43.92 -9.66
C CYS E 216 -13.26 -43.43 -10.73
N ILE E 217 -13.65 -43.55 -12.00
CA ILE E 217 -12.76 -43.14 -13.09
C ILE E 217 -12.58 -41.63 -13.10
N GLY E 218 -13.67 -40.88 -13.02
CA GLY E 218 -13.62 -39.44 -13.16
C GLY E 218 -13.38 -38.66 -11.89
N SER E 219 -13.28 -39.31 -10.74
CA SER E 219 -13.05 -38.57 -9.51
C SER E 219 -11.67 -38.83 -8.93
N PHE E 220 -11.16 -40.06 -9.05
CA PHE E 220 -9.82 -40.38 -8.57
C PHE E 220 -8.88 -40.83 -9.68
N PHE E 221 -9.28 -41.81 -10.48
CA PHE E 221 -8.35 -42.42 -11.43
C PHE E 221 -7.83 -41.40 -12.43
N ALA E 222 -8.72 -40.59 -13.02
CA ALA E 222 -8.23 -39.54 -13.92
C ALA E 222 -7.41 -38.48 -13.19
N PRO E 223 -7.87 -37.90 -12.08
CA PRO E 223 -6.98 -36.97 -11.36
C PRO E 223 -5.70 -37.61 -10.86
N CYS E 224 -5.75 -38.87 -10.40
CA CYS E 224 -4.52 -39.52 -9.95
C CYS E 224 -3.55 -39.73 -11.10
N LEU E 225 -4.05 -40.14 -12.27
CA LEU E 225 -3.19 -40.32 -13.43
C LEU E 225 -2.58 -39.00 -13.87
N ILE E 226 -3.38 -37.93 -13.89
CA ILE E 226 -2.85 -36.62 -14.26
C ILE E 226 -1.79 -36.18 -13.25
N MET E 227 -2.05 -36.40 -11.96
CA MET E 227 -1.09 -36.07 -10.91
C MET E 227 0.22 -36.83 -11.11
N ILE E 228 0.12 -38.14 -11.39
CA ILE E 228 1.32 -38.96 -11.55
C ILE E 228 2.12 -38.49 -12.75
N LEU E 229 1.44 -38.28 -13.90
CA LEU E 229 2.15 -37.85 -15.10
C LEU E 229 2.80 -36.49 -14.90
N VAL E 230 2.06 -35.54 -14.34
CA VAL E 230 2.59 -34.20 -14.15
C VAL E 230 3.79 -34.22 -13.22
N TYR E 231 3.69 -34.94 -12.11
CA TYR E 231 4.80 -34.91 -11.16
C TYR E 231 5.99 -35.72 -11.62
N VAL E 232 5.78 -36.78 -12.42
CA VAL E 232 6.90 -37.46 -13.05
C VAL E 232 7.61 -36.52 -14.03
N ARG E 233 6.83 -35.79 -14.83
CA ARG E 233 7.44 -34.84 -15.78
C ARG E 233 8.20 -33.76 -15.04
N ILE E 234 7.65 -33.22 -13.95
CA ILE E 234 8.34 -32.19 -13.20
C ILE E 234 9.59 -32.76 -12.54
N TYR E 235 9.52 -34.02 -12.08
CA TYR E 235 10.70 -34.66 -11.51
C TYR E 235 11.82 -34.76 -12.54
N GLN E 236 11.48 -35.19 -13.76
CA GLN E 236 12.52 -35.34 -14.77
C GLN E 236 13.03 -33.97 -15.25
N ILE E 237 12.16 -32.96 -15.27
CA ILE E 237 12.61 -31.61 -15.63
C ILE E 237 13.59 -31.09 -14.59
N ALA E 238 13.27 -31.27 -13.30
CA ALA E 238 14.18 -30.84 -12.24
C ALA E 238 15.48 -31.61 -12.28
N LYS E 239 15.43 -32.91 -12.58
CA LYS E 239 16.65 -33.70 -12.68
C LYS E 239 17.51 -33.22 -13.85
N ARG E 240 16.89 -32.93 -14.99
CA ARG E 240 17.65 -32.44 -16.15
C ARG E 240 18.26 -31.08 -15.86
N ARG E 241 17.52 -30.20 -15.16
CA ARG E 241 18.01 -28.86 -14.87
C ARG E 241 19.17 -28.86 -13.90
N THR E 242 19.41 -29.98 -13.21
CA THR E 242 20.53 -30.05 -12.28
C THR E 242 21.56 -31.09 -12.75
N GLY E 379 26.26 -29.44 -3.00
CA GLY E 379 25.02 -28.71 -3.04
C GLY E 379 24.02 -29.27 -4.03
N ARG E 380 24.53 -29.84 -5.13
CA ARG E 380 23.65 -30.43 -6.14
C ARG E 380 22.95 -31.67 -5.60
N GLN E 381 23.69 -32.56 -4.93
CA GLN E 381 23.10 -33.79 -4.44
C GLN E 381 22.10 -33.52 -3.32
N ASN E 382 22.38 -32.55 -2.46
CA ASN E 382 21.44 -32.23 -1.39
C ASN E 382 20.12 -31.72 -1.96
N ARG E 383 20.18 -30.83 -2.95
CA ARG E 383 18.96 -30.35 -3.59
C ARG E 383 18.25 -31.47 -4.35
N GLU E 384 19.01 -32.37 -4.97
CA GLU E 384 18.42 -33.50 -5.66
C GLU E 384 17.60 -34.35 -4.68
N LYS E 385 18.22 -34.73 -3.57
CA LYS E 385 17.52 -35.50 -2.55
C LYS E 385 16.31 -34.73 -2.02
N ARG E 386 16.46 -33.41 -1.83
CA ARG E 386 15.35 -32.62 -1.31
C ARG E 386 14.15 -32.67 -2.24
N PHE E 387 14.35 -32.41 -3.54
CA PHE E 387 13.15 -32.32 -4.37
C PHE E 387 12.59 -33.71 -4.68
N THR E 388 13.44 -34.74 -4.77
CA THR E 388 12.88 -36.08 -4.96
C THR E 388 12.10 -36.50 -3.72
N PHE E 389 12.56 -36.09 -2.52
CA PHE E 389 11.81 -36.38 -1.31
C PHE E 389 10.48 -35.64 -1.28
N VAL E 390 10.47 -34.38 -1.71
CA VAL E 390 9.21 -33.62 -1.71
C VAL E 390 8.21 -34.25 -2.67
N LEU E 391 8.66 -34.59 -3.88
CA LEU E 391 7.78 -35.24 -4.84
C LEU E 391 7.29 -36.57 -4.31
N ALA E 392 8.18 -37.34 -3.70
CA ALA E 392 7.79 -38.63 -3.14
C ALA E 392 6.73 -38.46 -2.06
N VAL E 393 6.92 -37.50 -1.15
CA VAL E 393 5.94 -37.28 -0.10
C VAL E 393 4.59 -36.93 -0.71
N VAL E 394 4.56 -35.96 -1.62
CA VAL E 394 3.28 -35.53 -2.19
C VAL E 394 2.56 -36.71 -2.84
N ILE E 395 3.19 -37.30 -3.86
CA ILE E 395 2.48 -38.31 -4.64
C ILE E 395 2.20 -39.56 -3.80
N GLY E 396 3.15 -39.95 -2.96
CA GLY E 396 2.96 -41.14 -2.15
C GLY E 396 1.87 -40.99 -1.12
N VAL E 397 1.80 -39.84 -0.44
CA VAL E 397 0.74 -39.66 0.54
C VAL E 397 -0.61 -39.62 -0.15
N PHE E 398 -0.69 -38.97 -1.31
CA PHE E 398 -1.97 -38.95 -2.04
C PHE E 398 -2.40 -40.37 -2.41
N VAL E 399 -1.45 -41.17 -2.94
CA VAL E 399 -1.79 -42.52 -3.35
C VAL E 399 -2.17 -43.38 -2.15
N VAL E 400 -1.34 -43.39 -1.11
CA VAL E 400 -1.61 -44.27 0.02
C VAL E 400 -2.89 -43.86 0.72
N CYS E 401 -3.29 -42.60 0.60
CA CYS E 401 -4.51 -42.16 1.28
C CYS E 401 -5.75 -42.50 0.46
N TRP E 402 -5.71 -42.32 -0.85
CA TRP E 402 -6.94 -42.52 -1.62
C TRP E 402 -6.99 -43.80 -2.45
N PHE E 403 -5.89 -44.20 -3.07
CA PHE E 403 -5.92 -45.35 -3.97
C PHE E 403 -6.44 -46.64 -3.33
N PRO E 404 -6.08 -47.01 -2.09
CA PRO E 404 -6.66 -48.24 -1.53
C PRO E 404 -8.18 -48.23 -1.51
N PHE E 405 -8.73 -47.06 -1.20
CA PHE E 405 -10.20 -46.97 -1.09
C PHE E 405 -10.81 -47.12 -2.48
N PHE E 406 -10.41 -46.28 -3.40
CA PHE E 406 -11.07 -46.33 -4.72
C PHE E 406 -10.76 -47.67 -5.32
N PHE E 407 -9.56 -48.17 -5.07
CA PHE E 407 -9.26 -49.45 -5.75
C PHE E 407 -10.24 -50.51 -5.24
N THR E 408 -10.50 -50.54 -3.94
CA THR E 408 -11.50 -51.53 -3.48
C THR E 408 -12.89 -51.21 -4.01
N TYR E 409 -13.32 -49.98 -3.92
CA TYR E 409 -14.69 -49.59 -4.29
C TYR E 409 -14.95 -49.96 -5.74
N THR E 410 -13.94 -49.92 -6.60
CA THR E 410 -14.16 -50.36 -7.96
C THR E 410 -14.00 -51.87 -8.11
N LEU E 411 -13.24 -52.52 -7.23
CA LEU E 411 -13.14 -53.97 -7.26
C LEU E 411 -14.44 -54.61 -6.82
N THR E 412 -14.99 -54.14 -5.69
CA THR E 412 -16.28 -54.64 -5.24
C THR E 412 -17.41 -54.21 -6.16
N ALA E 413 -17.19 -53.17 -6.98
CA ALA E 413 -18.19 -52.79 -7.96
C ALA E 413 -18.41 -53.90 -8.99
N VAL E 414 -17.32 -54.53 -9.44
CA VAL E 414 -17.41 -55.55 -10.49
C VAL E 414 -16.71 -56.82 -10.06
N GLY E 415 -16.66 -57.08 -8.75
CA GLY E 415 -16.01 -58.28 -8.25
C GLY E 415 -16.56 -58.69 -6.91
N CYS E 416 -16.28 -59.94 -6.54
CA CYS E 416 -16.77 -60.52 -5.29
C CYS E 416 -15.72 -60.54 -4.19
N SER E 417 -14.55 -59.95 -4.41
CA SER E 417 -13.50 -59.93 -3.40
C SER E 417 -13.72 -58.72 -2.50
N VAL E 418 -14.73 -58.82 -1.65
CA VAL E 418 -15.11 -57.74 -0.74
C VAL E 418 -14.20 -57.77 0.48
N PRO E 419 -13.56 -56.67 0.84
CA PRO E 419 -12.76 -56.64 2.07
C PRO E 419 -13.64 -56.91 3.29
N ARG E 420 -13.08 -57.66 4.24
CA ARG E 420 -13.83 -58.08 5.42
C ARG E 420 -14.26 -56.89 6.28
N THR E 421 -13.28 -56.18 6.86
CA THR E 421 -13.60 -55.06 7.74
C THR E 421 -12.64 -53.89 7.61
N LEU E 422 -11.65 -53.96 6.71
CA LEU E 422 -10.72 -52.86 6.51
C LEU E 422 -11.22 -51.86 5.47
N PHE E 423 -12.42 -52.08 4.92
CA PHE E 423 -13.02 -51.08 4.05
C PHE E 423 -13.28 -49.79 4.80
N LYS E 424 -13.74 -49.89 6.06
CA LYS E 424 -13.88 -48.70 6.89
C LYS E 424 -12.53 -48.05 7.14
N PHE E 425 -11.49 -48.86 7.30
CA PHE E 425 -10.14 -48.30 7.47
C PHE E 425 -9.73 -47.51 6.24
N PHE E 426 -9.99 -48.05 5.04
CA PHE E 426 -9.67 -47.32 3.82
C PHE E 426 -10.48 -46.04 3.70
N PHE E 427 -11.76 -46.09 4.09
CA PHE E 427 -12.62 -44.92 4.12
C PHE E 427 -12.03 -43.82 5.02
N TRP E 428 -11.58 -44.22 6.21
CA TRP E 428 -11.03 -43.24 7.13
C TRP E 428 -9.64 -42.76 6.72
N PHE E 429 -8.86 -43.56 6.00
CA PHE E 429 -7.65 -43.02 5.37
C PHE E 429 -7.98 -42.05 4.26
N GLY E 430 -9.08 -42.28 3.54
CA GLY E 430 -9.55 -41.28 2.61
C GLY E 430 -9.84 -39.96 3.29
N TYR E 431 -10.44 -40.01 4.48
CA TYR E 431 -10.59 -38.79 5.27
C TYR E 431 -9.25 -38.26 5.75
N CYS E 432 -8.31 -39.16 6.07
CA CYS E 432 -7.00 -38.74 6.52
C CYS E 432 -6.26 -37.96 5.45
N ASN E 433 -6.56 -38.22 4.18
CA ASN E 433 -6.01 -37.37 3.12
C ASN E 433 -6.47 -35.93 3.29
N SER E 434 -7.77 -35.74 3.56
CA SER E 434 -8.28 -34.41 3.84
C SER E 434 -7.61 -33.82 5.07
N SER E 435 -7.33 -34.66 6.07
CA SER E 435 -6.62 -34.18 7.26
C SER E 435 -5.21 -33.70 6.92
N LEU E 436 -4.49 -34.44 6.08
CA LEU E 436 -3.10 -34.18 5.78
C LEU E 436 -2.89 -33.17 4.66
N ASN E 437 -3.95 -32.82 3.92
CA ASN E 437 -3.79 -31.84 2.84
C ASN E 437 -3.23 -30.50 3.30
N PRO E 438 -3.64 -29.91 4.44
CA PRO E 438 -3.09 -28.60 4.80
C PRO E 438 -1.65 -28.64 5.32
N VAL E 439 -0.95 -29.76 5.15
CA VAL E 439 0.48 -29.83 5.47
C VAL E 439 1.31 -30.28 4.27
N ILE E 440 0.82 -31.27 3.50
CA ILE E 440 1.62 -31.82 2.41
C ILE E 440 1.88 -30.77 1.34
N TYR E 441 0.86 -30.00 0.97
CA TYR E 441 0.97 -29.03 -0.10
C TYR E 441 1.53 -27.68 0.36
N THR E 442 1.90 -27.55 1.63
CA THR E 442 2.31 -26.27 2.18
C THR E 442 3.56 -26.30 3.03
N ILE E 443 3.96 -27.45 3.59
CA ILE E 443 5.10 -27.46 4.49
C ILE E 443 6.39 -27.14 3.76
N PHE E 444 6.47 -27.46 2.47
CA PHE E 444 7.68 -27.25 1.70
C PHE E 444 7.79 -25.87 1.09
N ASN E 445 6.78 -25.02 1.24
CA ASN E 445 6.84 -23.66 0.74
C ASN E 445 7.43 -22.76 1.81
N HIS E 446 8.49 -22.02 1.44
CA HIS E 446 9.20 -21.21 2.42
C HIS E 446 8.31 -20.09 2.98
N ASP E 447 7.58 -19.41 2.11
CA ASP E 447 6.70 -18.34 2.56
C ASP E 447 5.58 -18.88 3.45
N PHE E 448 5.03 -20.04 3.09
CA PHE E 448 4.01 -20.66 3.94
C PHE E 448 4.59 -21.07 5.29
N ARG E 449 5.83 -21.58 5.29
CA ARG E 449 6.48 -21.91 6.55
C ARG E 449 6.64 -20.67 7.43
N ARG E 450 7.08 -19.56 6.83
CA ARG E 450 7.24 -18.33 7.60
C ARG E 450 5.89 -17.85 8.15
N ALA E 451 4.85 -17.89 7.32
CA ALA E 451 3.53 -17.46 7.78
C ALA E 451 3.02 -18.35 8.91
N PHE E 452 3.18 -19.66 8.78
CA PHE E 452 2.75 -20.58 9.83
C PHE E 452 3.50 -20.30 11.12
N LYS E 453 4.81 -20.11 11.05
CA LYS E 453 5.60 -19.88 12.26
C LYS E 453 5.24 -18.55 12.90
N LYS E 454 5.01 -17.51 12.10
CA LYS E 454 4.66 -16.21 12.66
C LYS E 454 3.27 -16.24 13.30
N ILE E 455 2.30 -16.90 12.66
CA ILE E 455 0.96 -16.95 13.24
C ILE E 455 0.93 -17.81 14.48
N LEU E 456 1.56 -18.99 14.44
CA LEU E 456 1.53 -19.89 15.58
C LEU E 456 2.47 -19.42 16.69
N CYS E 457 3.76 -19.32 16.37
CA CYS E 457 4.75 -18.91 17.37
C CYS E 457 5.24 -17.49 17.11
C1 W96 F . -15.52 -40.82 0.65
C3 W96 F . -17.05 -41.10 -1.32
C4 W96 F . -16.78 -40.97 -2.71
C5 W96 F . -15.86 -40.02 -3.20
C6 W96 F . -15.62 -39.92 -4.57
C7 W96 F . -16.30 -40.76 -5.46
C8 W96 F . -17.20 -41.69 -4.98
C9 W96 F . -17.44 -41.79 -3.57
C10 W96 F . -18.37 -42.74 -3.06
C12 W96 F . -17.97 -42.06 -0.89
C13 W96 F . -14.73 -41.92 0.36
C14 W96 F . -13.94 -42.44 1.36
C16 W96 F . -14.63 -40.84 2.85
C17 W96 F . -15.47 -40.26 1.92
N2 W96 F . -16.37 -40.24 -0.37
N11 W96 F . -18.59 -42.84 -1.76
N15 W96 F . -13.90 -41.89 2.56
#